data_5UK7
#
_entry.id   5UK7
#
_cell.length_a   65.749
_cell.length_b   65.795
_cell.length_c   81.996
_cell.angle_alpha   105.930
_cell.angle_beta   92.280
_cell.angle_gamma   119.920
#
_symmetry.space_group_name_H-M   'P 1'
#
loop_
_entity.id
_entity.type
_entity.pdbx_description
1 polymer 'RNA-binding protein Hfq'
2 polymer "DNA (5'-D(P*CP*GP*GP*CP*AP*AP*AP*AP*AP*AP*CP*GP*GP*CP*AP*AP*AP*AP*AP*A)-3')"
3 polymer "DNA (5'-D(P*TP*TP*TP*TP*TP*TP*GP*CP*CP*GP*TP*TP*TP*TP*TP*TP*GP*CP*CP*G)-3')"
4 non-polymer 'ZINC ION'
5 water water
#
loop_
_entity_poly.entity_id
_entity_poly.type
_entity_poly.pdbx_seq_one_letter_code
_entity_poly.pdbx_strand_id
1 'polypeptide(L)' AKGQSLQDPFLNALRRERVPVSIYLVNGIKLQGQIESFDQFVILLKNTVSQMVYKHAISTVVPSRPVS A,B,C,D,E,F,G,H,I,J,K,L
2 'polydeoxyribonucleotide' (DC)(DG)(DG)(DC)(DA)(DA)(DA)(DA)(DA)(DA)(DC)(DG)(DG)(DC)(DA)(DA)(DA)(DA)(DA)(DA) N,Z
3 'polydeoxyribonucleotide' (DT)(DT)(DT)(DT)(DT)(DT)(DG)(DC)(DC)(DG)(DT)(DT)(DT)(DT)(DT)(DT)(DG)(DC)(DC)(DG) M,Y
#
loop_
_chem_comp.id
_chem_comp.type
_chem_comp.name
_chem_comp.formula
DA DNA linking 2'-DEOXYADENOSINE-5'-MONOPHOSPHATE 'C10 H14 N5 O6 P'
DC DNA linking 2'-DEOXYCYTIDINE-5'-MONOPHOSPHATE 'C9 H14 N3 O7 P'
DG DNA linking 2'-DEOXYGUANOSINE-5'-MONOPHOSPHATE 'C10 H14 N5 O7 P'
DT DNA linking THYMIDINE-5'-MONOPHOSPHATE 'C10 H15 N2 O8 P'
ZN non-polymer 'ZINC ION' 'Zn 2'
#
# COMPACT_ATOMS: atom_id res chain seq x y z
N ALA A 1 26.52 -28.08 24.37
CA ALA A 1 27.38 -27.13 25.06
C ALA A 1 26.56 -26.06 25.77
N LYS A 2 27.19 -24.95 26.10
CA LYS A 2 26.53 -23.86 26.82
C LYS A 2 27.32 -22.64 26.41
N GLY A 3 26.62 -21.54 26.12
CA GLY A 3 27.26 -20.32 25.67
C GLY A 3 28.18 -19.68 24.64
N GLN A 4 27.78 -19.73 23.37
CA GLN A 4 28.62 -19.20 22.29
C GLN A 4 29.88 -20.01 22.02
N SER A 5 29.89 -21.26 22.47
CA SER A 5 30.95 -22.19 22.13
C SER A 5 31.23 -23.02 20.89
N LEU A 6 30.17 -23.61 20.34
CA LEU A 6 30.19 -24.48 19.13
C LEU A 6 30.25 -23.57 17.88
N GLN A 7 29.50 -22.47 17.91
CA GLN A 7 29.42 -21.55 16.77
C GLN A 7 30.79 -21.00 16.35
N ASP A 8 31.53 -20.45 17.31
CA ASP A 8 32.84 -19.87 17.04
C ASP A 8 33.88 -20.85 16.48
N PRO A 9 34.05 -22.05 17.09
CA PRO A 9 35.00 -22.99 16.48
C PRO A 9 34.54 -23.54 15.14
N PHE A 10 33.22 -23.62 14.92
CA PHE A 10 32.70 -24.09 13.64
C PHE A 10 33.07 -23.10 12.54
N LEU A 11 32.77 -21.82 12.80
CA LEU A 11 33.09 -20.77 11.84
C LEU A 11 34.61 -20.59 11.69
N ASN A 12 35.34 -20.81 12.78
CA ASN A 12 36.80 -20.73 12.76
C ASN A 12 37.42 -21.81 11.90
N ALA A 13 36.90 -23.02 12.01
CA ALA A 13 37.37 -24.14 11.22
C ALA A 13 37.00 -23.92 9.76
N LEU A 14 35.86 -23.27 9.54
CA LEU A 14 35.44 -22.94 8.19
C LEU A 14 36.30 -21.83 7.57
N ARG A 15 36.88 -21.00 8.43
CA ARG A 15 37.65 -19.83 8.02
C ARG A 15 39.14 -20.17 7.78
N ARG A 16 39.75 -20.82 8.78
CA ARG A 16 41.13 -21.27 8.71
C ARG A 16 41.39 -22.12 7.47
N GLU A 17 40.51 -23.09 7.23
CA GLU A 17 40.69 -24.03 6.14
C GLU A 17 40.07 -23.54 4.84
N ARG A 18 39.63 -22.29 4.84
CA ARG A 18 39.07 -21.63 3.65
C ARG A 18 37.98 -22.45 2.97
N VAL A 19 37.23 -23.20 3.77
CA VAL A 19 36.21 -24.11 3.24
C VAL A 19 35.02 -23.34 2.67
N PRO A 20 34.64 -23.64 1.42
CA PRO A 20 33.48 -23.02 0.78
C PRO A 20 32.18 -23.45 1.45
N VAL A 21 31.29 -22.50 1.66
CA VAL A 21 30.01 -22.80 2.31
C VAL A 21 28.83 -22.22 1.56
N SER A 22 27.67 -22.85 1.73
CA SER A 22 26.41 -22.31 1.25
C SER A 22 25.60 -21.84 2.46
N ILE A 23 25.28 -20.56 2.48
CA ILE A 23 24.52 -19.97 3.57
C ILE A 23 23.07 -19.75 3.18
N TYR A 24 22.19 -20.52 3.80
CA TYR A 24 20.76 -20.41 3.58
C TYR A 24 20.13 -19.43 4.55
N LEU A 25 19.54 -18.37 3.99
CA LEU A 25 18.86 -17.35 4.78
C LEU A 25 17.43 -17.78 5.10
N VAL A 26 16.81 -17.11 6.07
CA VAL A 26 15.47 -17.47 6.52
C VAL A 26 14.42 -17.30 5.42
N ASN A 27 14.73 -16.50 4.41
CA ASN A 27 13.79 -16.28 3.31
C ASN A 27 13.87 -17.38 2.26
N GLY A 28 15.08 -17.90 2.04
CA GLY A 28 15.29 -18.98 1.08
C GLY A 28 16.48 -18.76 0.18
N ILE A 29 17.03 -17.55 0.20
CA ILE A 29 18.18 -17.20 -0.64
C ILE A 29 19.42 -18.01 -0.26
N LYS A 30 20.04 -18.63 -1.27
CA LYS A 30 21.25 -19.41 -1.05
C LYS A 30 22.48 -18.60 -1.44
N LEU A 31 23.38 -18.37 -0.48
CA LEU A 31 24.60 -17.61 -0.73
C LEU A 31 25.86 -18.47 -0.58
N GLN A 32 26.44 -18.91 -1.69
CA GLN A 32 27.70 -19.64 -1.64
C GLN A 32 28.87 -18.68 -1.58
N GLY A 33 29.94 -19.08 -0.90
CA GLY A 33 31.12 -18.23 -0.80
C GLY A 33 32.09 -18.73 0.25
N GLN A 34 32.98 -17.84 0.69
CA GLN A 34 33.99 -18.20 1.67
C GLN A 34 33.94 -17.25 2.87
N ILE A 35 34.16 -17.80 4.06
CA ILE A 35 34.10 -17.00 5.27
C ILE A 35 35.46 -16.39 5.58
N GLU A 36 35.56 -15.07 5.38
CA GLU A 36 36.81 -14.36 5.64
C GLU A 36 36.94 -14.01 7.12
N SER A 37 35.88 -13.42 7.68
CA SER A 37 35.85 -13.08 9.10
C SER A 37 34.44 -13.22 9.65
N PHE A 38 34.32 -13.18 10.97
CA PHE A 38 33.02 -13.24 11.63
C PHE A 38 33.11 -12.72 13.05
N ASP A 39 32.01 -12.19 13.56
CA ASP A 39 31.91 -11.84 14.97
C ASP A 39 30.51 -12.16 15.47
N GLN A 40 30.20 -11.77 16.70
CA GLN A 40 28.94 -12.11 17.31
C GLN A 40 27.66 -11.99 16.48
N PHE A 41 27.62 -11.01 15.58
CA PHE A 41 26.38 -10.70 14.86
C PHE A 41 26.46 -10.86 13.34
N VAL A 42 27.63 -10.61 12.77
CA VAL A 42 27.77 -10.64 11.31
C VAL A 42 28.82 -11.64 10.81
N ILE A 43 28.72 -11.96 9.52
CA ILE A 43 29.66 -12.87 8.86
C ILE A 43 30.09 -12.30 7.52
N LEU A 44 31.39 -12.14 7.33
CA LEU A 44 31.92 -11.70 6.07
C LEU A 44 31.55 -12.90 5.18
N LEU A 45 31.45 -12.66 3.87
CA LEU A 45 31.20 -13.74 2.95
C LEU A 45 32.41 -13.10 2.24
N LYS A 46 33.04 -13.85 1.35
CA LYS A 46 34.27 -13.43 0.67
C LYS A 46 33.61 -13.41 -0.71
N ASN A 47 33.70 -14.53 -1.43
CA ASN A 47 33.33 -14.63 -2.85
C ASN A 47 33.94 -13.67 -3.88
N THR A 48 33.10 -12.94 -4.60
CA THR A 48 33.57 -11.95 -5.59
C THR A 48 33.79 -10.55 -5.01
N VAL A 49 32.98 -10.19 -4.01
CA VAL A 49 33.18 -8.94 -3.28
C VAL A 49 32.72 -9.36 -1.88
N SER A 50 33.54 -9.06 -0.87
CA SER A 50 33.24 -9.44 0.50
C SER A 50 31.90 -8.74 0.75
N GLN A 51 30.91 -9.51 1.17
CA GLN A 51 29.57 -8.97 1.43
C GLN A 51 29.34 -9.31 2.90
N MET A 52 28.63 -8.43 3.60
CA MET A 52 28.35 -8.66 5.01
C MET A 52 26.97 -9.29 5.21
N VAL A 53 26.93 -10.43 5.89
CA VAL A 53 25.68 -11.14 6.11
C VAL A 53 25.31 -11.13 7.59
N TYR A 54 24.12 -10.61 7.89
CA TYR A 54 23.62 -10.63 9.26
C TYR A 54 23.12 -12.02 9.66
N LYS A 55 23.56 -12.50 10.82
CA LYS A 55 23.19 -13.82 11.30
C LYS A 55 21.69 -13.99 11.54
N HIS A 56 21.02 -12.93 11.95
CA HIS A 56 19.59 -12.99 12.26
C HIS A 56 18.76 -13.33 11.03
N ALA A 57 19.36 -13.19 9.86
CA ALA A 57 18.71 -13.57 8.61
C ALA A 57 19.12 -14.98 8.21
N ILE A 58 20.23 -15.45 8.75
CA ILE A 58 20.74 -16.78 8.41
C ILE A 58 19.93 -17.90 9.06
N SER A 59 19.47 -18.85 8.25
CA SER A 59 18.82 -20.04 8.77
C SER A 59 19.85 -21.14 9.04
N THR A 60 20.70 -21.43 8.05
CA THR A 60 21.76 -22.41 8.25
C THR A 60 23.02 -22.20 7.41
N VAL A 61 24.11 -22.84 7.84
CA VAL A 61 25.40 -22.72 7.17
C VAL A 61 25.89 -24.12 6.81
N VAL A 62 25.82 -24.48 5.54
CA VAL A 62 26.22 -25.83 5.13
C VAL A 62 27.58 -25.87 4.43
N PRO A 63 28.53 -26.60 5.02
CA PRO A 63 29.87 -26.83 4.44
C PRO A 63 29.77 -27.57 3.11
N SER A 64 30.83 -27.50 2.30
CA SER A 64 30.83 -28.16 1.00
C SER A 64 31.78 -29.36 0.97
N ALA B 1 8.65 -23.35 34.53
CA ALA B 1 10.06 -23.27 34.88
C ALA B 1 10.71 -22.05 34.24
N LYS B 2 11.88 -21.67 34.75
CA LYS B 2 12.62 -20.54 34.22
C LYS B 2 13.97 -20.98 33.67
N GLY B 3 14.67 -20.05 33.03
CA GLY B 3 15.99 -20.33 32.49
C GLY B 3 15.99 -21.24 31.28
N GLN B 4 16.97 -22.15 31.24
CA GLN B 4 17.10 -23.13 30.16
C GLN B 4 16.97 -24.50 30.80
N SER B 5 16.09 -24.61 31.79
CA SER B 5 15.96 -25.81 32.61
C SER B 5 15.66 -26.84 31.53
N LEU B 6 14.78 -26.50 30.60
CA LEU B 6 14.02 -27.44 29.79
C LEU B 6 14.51 -27.62 28.36
N GLN B 7 15.15 -26.57 27.82
CA GLN B 7 15.77 -26.66 26.50
C GLN B 7 17.15 -27.32 26.38
N ASP B 8 17.89 -27.33 27.48
CA ASP B 8 19.23 -27.92 27.48
C ASP B 8 19.10 -29.43 27.76
N PRO B 9 18.30 -29.83 28.77
CA PRO B 9 18.18 -31.28 29.02
C PRO B 9 17.52 -32.00 27.85
N PHE B 10 16.66 -31.30 27.13
CA PHE B 10 15.95 -31.89 25.99
C PHE B 10 16.91 -32.19 24.86
N LEU B 11 17.66 -31.17 24.44
CA LEU B 11 18.62 -31.34 23.35
C LEU B 11 19.75 -32.28 23.74
N ASN B 12 20.17 -32.21 24.99
CA ASN B 12 21.20 -33.11 25.51
C ASN B 12 20.72 -34.56 25.51
N ALA B 13 19.46 -34.78 25.87
CA ALA B 13 18.90 -36.12 25.85
C ALA B 13 18.81 -36.63 24.41
N LEU B 14 18.36 -35.76 23.51
CA LEU B 14 18.27 -36.11 22.10
C LEU B 14 19.65 -36.39 21.49
N ARG B 15 20.70 -35.84 22.09
CA ARG B 15 22.07 -36.02 21.61
C ARG B 15 22.73 -37.27 22.18
N ARG B 16 22.60 -37.47 23.50
CA ARG B 16 23.12 -38.67 24.16
C ARG B 16 22.64 -39.93 23.48
N GLU B 17 21.36 -39.94 23.12
CA GLU B 17 20.70 -41.12 22.61
C GLU B 17 20.73 -41.21 21.08
N ARG B 18 21.30 -40.19 20.44
CA ARG B 18 21.44 -40.15 18.99
C ARG B 18 20.09 -40.28 18.28
N VAL B 19 19.05 -39.73 18.88
CA VAL B 19 17.70 -39.82 18.32
C VAL B 19 17.56 -38.94 17.08
N PRO B 20 17.10 -39.53 15.97
CA PRO B 20 16.81 -38.76 14.75
C PRO B 20 15.73 -37.72 15.01
N VAL B 21 15.95 -36.50 14.54
CA VAL B 21 14.98 -35.43 14.77
C VAL B 21 14.62 -34.72 13.47
N SER B 22 13.41 -34.15 13.46
CA SER B 22 12.95 -33.28 12.39
C SER B 22 12.89 -31.85 12.91
N ILE B 23 13.73 -30.99 12.36
CA ILE B 23 13.76 -29.59 12.75
C ILE B 23 13.07 -28.75 11.70
N TYR B 24 11.92 -28.19 12.07
CA TYR B 24 11.16 -27.32 11.17
C TYR B 24 11.61 -25.87 11.32
N LEU B 25 11.80 -25.19 10.19
CA LEU B 25 12.17 -23.78 10.22
C LEU B 25 10.92 -22.90 10.15
N VAL B 26 11.08 -21.60 10.37
CA VAL B 26 9.94 -20.68 10.43
C VAL B 26 9.34 -20.41 9.05
N ASN B 27 10.02 -20.91 8.02
CA ASN B 27 9.57 -20.72 6.64
C ASN B 27 8.89 -21.97 6.12
N GLY B 28 8.97 -23.04 6.90
CA GLY B 28 8.32 -24.29 6.56
C GLY B 28 9.22 -25.41 6.10
N ILE B 29 10.48 -25.10 5.77
CA ILE B 29 11.45 -26.12 5.32
C ILE B 29 11.84 -27.09 6.45
N LYS B 30 11.76 -28.38 6.16
CA LYS B 30 11.94 -29.41 7.16
C LYS B 30 13.31 -30.07 7.05
N LEU B 31 14.21 -29.72 7.96
CA LEU B 31 15.51 -30.38 8.05
C LEU B 31 15.33 -31.65 8.87
N GLN B 32 16.23 -32.61 8.68
CA GLN B 32 16.23 -33.83 9.49
C GLN B 32 17.67 -34.28 9.76
N GLY B 33 17.85 -35.00 10.85
CA GLY B 33 19.16 -35.54 11.13
C GLY B 33 19.39 -35.91 12.58
N GLN B 34 20.57 -35.57 13.09
CA GLN B 34 20.94 -35.98 14.43
C GLN B 34 21.75 -34.89 15.13
N ILE B 35 21.36 -34.57 16.36
CA ILE B 35 22.03 -33.53 17.12
C ILE B 35 23.45 -33.95 17.50
N GLU B 36 24.44 -33.50 16.73
CA GLU B 36 25.83 -33.78 17.07
C GLU B 36 26.21 -33.00 18.32
N SER B 37 25.87 -31.72 18.31
CA SER B 37 26.07 -30.87 19.48
C SER B 37 25.21 -29.63 19.33
N PHE B 38 25.24 -28.78 20.34
CA PHE B 38 24.47 -27.55 20.31
C PHE B 38 25.00 -26.61 21.37
N ASP B 39 24.76 -25.32 21.18
CA ASP B 39 25.04 -24.36 22.24
C ASP B 39 23.91 -23.33 22.24
N GLN B 40 24.07 -22.26 23.00
CA GLN B 40 23.02 -21.26 23.17
C GLN B 40 22.23 -20.81 21.94
N PHE B 41 22.94 -20.54 20.84
CA PHE B 41 22.30 -19.98 19.64
C PHE B 41 22.16 -20.93 18.45
N VAL B 42 23.04 -21.92 18.35
CA VAL B 42 23.01 -22.84 17.22
C VAL B 42 22.94 -24.32 17.62
N ILE B 43 22.51 -25.14 16.67
CA ILE B 43 22.48 -26.59 16.83
C ILE B 43 23.20 -27.24 15.66
N LEU B 44 24.18 -28.08 15.96
CA LEU B 44 24.91 -28.79 14.90
C LEU B 44 24.16 -30.06 14.52
N LEU B 45 23.64 -30.08 13.30
CA LEU B 45 22.80 -31.17 12.83
C LEU B 45 23.50 -32.02 11.76
N LYS B 46 23.80 -33.28 12.11
CA LYS B 46 24.45 -34.19 11.17
C LYS B 46 23.82 -35.35 10.39
N ASN B 47 23.62 -35.14 9.10
CA ASN B 47 23.09 -36.15 8.17
C ASN B 47 23.73 -36.74 6.90
N THR B 48 23.97 -35.94 5.87
CA THR B 48 24.79 -36.45 4.76
C THR B 48 25.96 -35.49 4.90
N VAL B 49 25.66 -34.31 5.42
CA VAL B 49 26.67 -33.30 5.68
C VAL B 49 26.24 -32.62 6.97
N SER B 50 27.17 -32.44 7.89
CA SER B 50 26.90 -31.69 9.11
C SER B 50 26.66 -30.23 8.76
N GLN B 51 25.72 -29.60 9.47
CA GLN B 51 25.38 -28.21 9.20
C GLN B 51 25.09 -27.49 10.51
N MET B 52 25.26 -26.16 10.50
CA MET B 52 24.97 -25.36 11.66
C MET B 52 23.62 -24.68 11.49
N VAL B 53 22.70 -24.93 12.41
CA VAL B 53 21.35 -24.37 12.32
C VAL B 53 21.10 -23.34 13.41
N TYR B 54 20.82 -22.11 13.01
CA TYR B 54 20.52 -21.05 13.97
C TYR B 54 19.15 -21.25 14.61
N LYS B 55 19.10 -21.20 15.93
CA LYS B 55 17.87 -21.42 16.67
C LYS B 55 16.78 -20.40 16.32
N HIS B 56 17.19 -19.16 16.02
CA HIS B 56 16.24 -18.10 15.69
C HIS B 56 15.47 -18.37 14.39
N ALA B 57 15.88 -19.40 13.66
CA ALA B 57 15.19 -19.79 12.44
C ALA B 57 14.37 -21.06 12.67
N ILE B 58 14.49 -21.62 13.87
CA ILE B 58 13.79 -22.85 14.21
C ILE B 58 12.42 -22.56 14.85
N SER B 59 11.40 -23.27 14.39
CA SER B 59 10.08 -23.19 15.00
C SER B 59 9.91 -24.30 16.01
N THR B 60 10.07 -25.54 15.55
CA THR B 60 9.90 -26.71 16.39
C THR B 60 10.97 -27.77 16.17
N VAL B 61 11.30 -28.50 17.24
CA VAL B 61 12.19 -29.64 17.15
C VAL B 61 11.39 -30.90 17.49
N VAL B 62 11.07 -31.69 16.48
CA VAL B 62 10.20 -32.85 16.65
C VAL B 62 10.95 -34.17 16.58
N PRO B 63 11.08 -34.85 17.72
CA PRO B 63 11.70 -36.19 17.77
C PRO B 63 10.93 -37.22 16.95
N SER B 64 11.54 -38.37 16.73
CA SER B 64 10.87 -39.49 16.06
C SER B 64 10.14 -40.33 17.09
N ARG B 65 10.78 -40.50 18.25
CA ARG B 65 10.24 -41.31 19.34
C ARG B 65 10.72 -40.73 20.68
N PRO B 66 10.11 -41.13 21.81
CA PRO B 66 10.11 -40.25 22.99
C PRO B 66 11.49 -39.83 23.54
N VAL B 67 11.54 -38.59 24.03
CA VAL B 67 12.72 -37.95 24.66
C VAL B 67 13.95 -38.82 24.88
N ALA C 1 1.48 -7.21 34.22
CA ALA C 1 2.22 -6.02 34.66
C ALA C 1 3.57 -5.93 33.98
N LYS C 2 4.60 -6.37 34.70
CA LYS C 2 5.98 -6.30 34.24
C LYS C 2 6.64 -7.67 34.34
N GLY C 3 7.84 -7.79 33.78
CA GLY C 3 8.54 -9.06 33.71
C GLY C 3 7.68 -10.12 33.04
N GLN C 4 7.76 -11.35 33.52
CA GLN C 4 6.87 -12.42 33.09
C GLN C 4 6.07 -12.44 34.40
N SER C 5 4.94 -11.76 34.45
CA SER C 5 4.13 -11.81 35.68
C SER C 5 2.93 -12.53 35.05
N LEU C 6 2.68 -12.30 33.76
CA LEU C 6 1.53 -12.91 33.06
C LEU C 6 1.65 -14.18 32.22
N GLN C 7 2.72 -14.29 31.43
CA GLN C 7 2.95 -15.44 30.56
C GLN C 7 3.33 -16.75 31.28
N ASP C 8 3.82 -16.63 32.51
CA ASP C 8 4.19 -17.78 33.32
C ASP C 8 2.96 -18.30 34.07
N PRO C 9 2.19 -17.41 34.74
CA PRO C 9 0.99 -17.95 35.38
C PRO C 9 -0.01 -18.47 34.36
N PHE C 10 0.05 -17.92 33.15
CA PHE C 10 -0.84 -18.33 32.07
C PHE C 10 -0.50 -19.75 31.62
N LEU C 11 0.75 -19.94 31.21
CA LEU C 11 1.24 -21.24 30.75
C LEU C 11 1.15 -22.29 31.84
N ASN C 12 1.47 -21.90 33.07
CA ASN C 12 1.30 -22.76 34.23
C ASN C 12 -0.15 -23.19 34.36
N ALA C 13 -1.06 -22.23 34.32
CA ALA C 13 -2.49 -22.54 34.41
C ALA C 13 -2.91 -23.50 33.29
N LEU C 14 -2.29 -23.36 32.12
CA LEU C 14 -2.58 -24.24 31.01
C LEU C 14 -1.94 -25.62 31.20
N ARG C 15 -0.95 -25.69 32.08
CA ARG C 15 -0.18 -26.92 32.27
C ARG C 15 -0.69 -27.79 33.44
N ARG C 16 -1.05 -27.15 34.55
CA ARG C 16 -1.58 -27.87 35.70
C ARG C 16 -2.93 -28.48 35.37
N GLU C 17 -3.84 -27.65 34.87
CA GLU C 17 -5.17 -28.12 34.51
C GLU C 17 -5.11 -28.93 33.22
N ARG C 18 -3.97 -28.87 32.55
CA ARG C 18 -3.71 -29.69 31.36
C ARG C 18 -4.75 -29.45 30.28
N VAL C 19 -5.18 -28.20 30.14
CA VAL C 19 -6.15 -27.83 29.12
C VAL C 19 -5.48 -27.96 27.75
N PRO C 20 -6.23 -28.47 26.76
CA PRO C 20 -5.71 -28.52 25.40
C PRO C 20 -5.47 -27.10 24.91
N VAL C 21 -4.35 -26.88 24.24
CA VAL C 21 -4.06 -25.54 23.74
C VAL C 21 -3.79 -25.55 22.25
N SER C 22 -3.72 -24.35 21.71
CA SER C 22 -3.64 -24.14 20.27
C SER C 22 -2.63 -23.04 19.98
N ILE C 23 -1.47 -23.45 19.49
CA ILE C 23 -0.34 -22.55 19.32
C ILE C 23 -0.13 -22.17 17.85
N TYR C 24 -0.54 -20.96 17.49
CA TYR C 24 -0.33 -20.44 16.14
C TYR C 24 1.11 -19.94 16.00
N LEU C 25 1.79 -20.38 14.95
CA LEU C 25 3.12 -19.86 14.65
C LEU C 25 3.02 -18.59 13.82
N VAL C 26 4.14 -17.88 13.69
CA VAL C 26 4.16 -16.63 12.94
C VAL C 26 4.02 -16.87 11.44
N ASN C 27 4.21 -18.12 11.03
CA ASN C 27 4.11 -18.48 9.61
C ASN C 27 2.71 -18.92 9.21
N GLY C 28 1.84 -19.10 10.20
CA GLY C 28 0.47 -19.49 9.95
C GLY C 28 0.13 -20.89 10.42
N ILE C 29 1.16 -21.69 10.70
CA ILE C 29 0.95 -23.07 11.10
C ILE C 29 0.30 -23.15 12.50
N LYS C 30 -0.71 -24.01 12.61
CA LYS C 30 -1.42 -24.23 13.86
C LYS C 30 -0.92 -25.50 14.55
N LEU C 31 -0.63 -25.40 15.85
CA LEU C 31 -0.16 -26.55 16.61
C LEU C 31 -1.08 -26.84 17.79
N GLN C 32 -2.02 -27.76 17.61
CA GLN C 32 -2.84 -28.17 18.73
C GLN C 32 -2.06 -29.18 19.55
N GLY C 33 -2.21 -29.13 20.87
CA GLY C 33 -1.53 -30.09 21.70
C GLY C 33 -1.72 -29.75 23.15
N GLN C 34 -0.74 -30.05 23.99
CA GLN C 34 -0.91 -29.78 25.41
C GLN C 34 0.40 -29.44 26.12
N ILE C 35 0.39 -28.31 26.81
CA ILE C 35 1.56 -27.84 27.53
C ILE C 35 2.02 -28.82 28.60
N GLU C 36 3.16 -29.45 28.34
CA GLU C 36 3.75 -30.38 29.30
C GLU C 36 4.76 -29.67 30.19
N SER C 37 5.54 -28.78 29.59
CA SER C 37 6.50 -27.98 30.34
C SER C 37 6.99 -26.81 29.48
N PHE C 38 7.66 -25.86 30.12
CA PHE C 38 8.17 -24.70 29.42
C PHE C 38 9.25 -24.01 30.25
N ASP C 39 10.17 -23.33 29.57
CA ASP C 39 11.14 -22.47 30.26
C ASP C 39 11.10 -21.12 29.54
N GLN C 40 12.12 -20.30 29.74
CA GLN C 40 12.16 -18.98 29.13
C GLN C 40 11.97 -18.84 27.61
N PHE C 41 12.46 -19.83 26.85
CA PHE C 41 12.45 -19.70 25.39
C PHE C 41 11.64 -20.77 24.66
N VAL C 42 11.38 -21.89 25.32
CA VAL C 42 10.68 -23.00 24.67
C VAL C 42 9.48 -23.52 25.44
N ILE C 43 8.58 -24.16 24.71
CA ILE C 43 7.38 -24.76 25.28
C ILE C 43 7.27 -26.21 24.80
N LEU C 44 7.08 -27.12 25.74
CA LEU C 44 6.88 -28.50 25.37
C LEU C 44 5.42 -28.80 25.02
N LEU C 45 5.18 -29.07 23.75
CA LEU C 45 3.84 -29.40 23.27
C LEU C 45 3.70 -30.91 23.14
N LYS C 46 3.04 -31.53 24.12
CA LYS C 46 2.84 -32.97 24.11
C LYS C 46 1.61 -33.35 23.30
N ASN C 47 1.76 -34.44 22.54
CA ASN C 47 0.71 -35.05 21.74
C ASN C 47 1.34 -36.42 21.56
N THR C 48 0.95 -37.12 20.50
CA THR C 48 1.67 -38.32 20.08
C THR C 48 3.18 -38.29 20.25
N VAL C 49 3.76 -37.13 19.98
CA VAL C 49 5.16 -36.85 20.29
C VAL C 49 5.20 -35.56 21.09
N SER C 50 6.20 -35.45 21.96
CA SER C 50 6.48 -34.20 22.66
C SER C 50 7.41 -33.38 21.78
N GLN C 51 6.90 -32.29 21.21
CA GLN C 51 7.72 -31.45 20.36
C GLN C 51 8.07 -30.15 21.06
N MET C 52 9.31 -29.70 20.92
CA MET C 52 9.75 -28.47 21.55
C MET C 52 9.54 -27.28 20.62
N VAL C 53 8.64 -26.38 21.00
CA VAL C 53 8.34 -25.20 20.20
C VAL C 53 9.11 -24.00 20.72
N TYR C 54 9.80 -23.29 19.83
CA TYR C 54 10.50 -22.07 20.22
C TYR C 54 9.53 -20.89 20.30
N LYS C 55 9.61 -20.14 21.39
CA LYS C 55 8.70 -19.03 21.62
C LYS C 55 8.81 -17.93 20.55
N HIS C 56 10.00 -17.75 19.99
CA HIS C 56 10.23 -16.70 19.00
C HIS C 56 9.53 -16.99 17.68
N ALA C 57 8.96 -18.18 17.57
CA ALA C 57 8.21 -18.57 16.37
C ALA C 57 6.72 -18.58 16.66
N ILE C 58 6.36 -18.30 17.91
CA ILE C 58 4.97 -18.34 18.33
C ILE C 58 4.33 -16.95 18.26
N SER C 59 3.12 -16.87 17.71
CA SER C 59 2.39 -15.62 17.66
C SER C 59 1.22 -15.46 18.63
N THR C 60 0.50 -16.56 18.86
CA THR C 60 -0.66 -16.53 19.75
C THR C 60 -0.80 -17.92 20.37
N VAL C 61 -1.14 -17.94 21.66
CA VAL C 61 -1.42 -19.19 22.36
C VAL C 61 -2.87 -19.17 22.85
N VAL C 62 -3.74 -19.89 22.16
CA VAL C 62 -5.16 -19.87 22.52
C VAL C 62 -5.62 -21.17 23.19
N PRO C 63 -6.25 -21.03 24.37
CA PRO C 63 -6.84 -22.16 25.09
C PRO C 63 -8.03 -22.74 24.34
N SER C 64 -7.91 -23.99 23.94
CA SER C 64 -8.99 -24.73 23.29
C SER C 64 -8.27 -25.75 24.15
N ARG C 65 -8.95 -26.35 25.14
CA ARG C 65 -10.39 -26.27 25.39
C ARG C 65 -10.04 -24.97 26.12
N PRO C 66 -10.97 -23.99 26.09
CA PRO C 66 -10.83 -22.66 26.70
C PRO C 66 -11.65 -22.79 27.98
N VAL C 67 -11.75 -21.69 28.73
CA VAL C 67 -12.48 -21.64 29.98
C VAL C 67 -11.31 -21.56 30.97
N ALA D 1 -15.36 -10.20 -20.71
CA ALA D 1 -16.60 -10.10 -21.47
C ALA D 1 -16.85 -8.68 -21.97
N LYS D 2 -18.11 -8.38 -22.28
CA LYS D 2 -18.48 -7.09 -22.86
C LYS D 2 -19.52 -6.35 -22.01
N GLY D 3 -19.22 -5.09 -21.69
CA GLY D 3 -20.07 -4.32 -20.79
C GLY D 3 -21.32 -3.77 -21.45
N GLN D 4 -22.30 -3.41 -20.63
CA GLN D 4 -22.20 -3.50 -19.16
C GLN D 4 -22.75 -4.90 -19.20
N SER D 5 -22.08 -5.84 -18.54
CA SER D 5 -22.71 -7.16 -18.29
C SER D 5 -21.85 -7.15 -17.03
N LEU D 6 -21.95 -8.22 -16.24
CA LEU D 6 -21.05 -8.43 -15.11
C LEU D 6 -21.26 -7.46 -13.94
N GLN D 7 -21.27 -6.16 -14.25
CA GLN D 7 -21.58 -5.15 -13.26
C GLN D 7 -23.04 -5.26 -12.84
N ASP D 8 -23.93 -5.38 -13.83
CA ASP D 8 -25.36 -5.51 -13.56
C ASP D 8 -25.72 -6.71 -12.69
N PRO D 9 -25.26 -7.93 -13.04
CA PRO D 9 -25.61 -9.07 -12.17
C PRO D 9 -24.98 -8.95 -10.79
N PHE D 10 -23.80 -8.34 -10.73
CA PHE D 10 -23.09 -8.15 -9.48
C PHE D 10 -23.89 -7.26 -8.54
N LEU D 11 -24.26 -6.08 -9.01
CA LEU D 11 -25.02 -5.13 -8.22
C LEU D 11 -26.43 -5.64 -7.92
N ASN D 12 -27.04 -6.30 -8.88
CA ASN D 12 -28.38 -6.86 -8.72
C ASN D 12 -28.43 -7.94 -7.64
N ALA D 13 -27.43 -8.82 -7.65
CA ALA D 13 -27.37 -9.89 -6.67
C ALA D 13 -26.93 -9.34 -5.31
N LEU D 14 -26.16 -8.26 -5.33
CA LEU D 14 -25.76 -7.60 -4.10
C LEU D 14 -26.95 -6.91 -3.44
N ARG D 15 -27.89 -6.46 -4.26
CA ARG D 15 -29.07 -5.76 -3.78
C ARG D 15 -30.15 -6.73 -3.32
N ARG D 16 -30.50 -7.65 -4.21
CA ARG D 16 -31.51 -8.67 -3.95
C ARG D 16 -31.28 -9.40 -2.63
N GLU D 17 -30.02 -9.63 -2.29
CA GLU D 17 -29.69 -10.39 -1.09
C GLU D 17 -29.29 -9.53 0.09
N ARG D 18 -29.57 -8.23 0.00
CA ARG D 18 -29.35 -7.28 1.10
C ARG D 18 -27.95 -7.34 1.70
N VAL D 19 -26.96 -7.67 0.87
CA VAL D 19 -25.61 -7.87 1.34
C VAL D 19 -24.90 -6.55 1.63
N PRO D 20 -24.46 -6.35 2.88
CA PRO D 20 -23.76 -5.15 3.31
C PRO D 20 -22.49 -4.94 2.50
N VAL D 21 -22.39 -3.80 1.84
CA VAL D 21 -21.27 -3.49 1.00
C VAL D 21 -20.45 -2.32 1.52
N SER D 22 -19.16 -2.37 1.20
CA SER D 22 -18.24 -1.27 1.43
C SER D 22 -17.83 -0.70 0.08
N ILE D 23 -18.34 0.48 -0.22
CA ILE D 23 -18.05 1.20 -1.46
C ILE D 23 -16.97 2.23 -1.22
N TYR D 24 -15.78 1.97 -1.75
CA TYR D 24 -14.67 2.91 -1.68
C TYR D 24 -14.75 3.93 -2.80
N LEU D 25 -14.52 5.19 -2.47
CA LEU D 25 -14.54 6.25 -3.47
C LEU D 25 -13.13 6.54 -3.96
N VAL D 26 -13.02 7.26 -5.07
CA VAL D 26 -11.73 7.58 -5.66
C VAL D 26 -10.91 8.51 -4.77
N ASN D 27 -11.56 9.11 -3.77
CA ASN D 27 -10.88 10.00 -2.85
C ASN D 27 -10.60 9.35 -1.49
N GLY D 28 -10.72 8.03 -1.43
CA GLY D 28 -10.37 7.29 -0.24
C GLY D 28 -11.52 7.03 0.71
N ILE D 29 -12.58 7.84 0.60
CA ILE D 29 -13.73 7.72 1.48
C ILE D 29 -14.43 6.37 1.33
N LYS D 30 -14.63 5.68 2.44
CA LYS D 30 -15.38 4.43 2.44
C LYS D 30 -16.82 4.66 2.93
N LEU D 31 -17.79 4.23 2.12
CA LEU D 31 -19.19 4.28 2.52
C LEU D 31 -19.66 2.85 2.69
N GLN D 32 -20.18 2.48 3.86
CA GLN D 32 -20.78 1.16 3.96
C GLN D 32 -22.28 1.24 4.17
N GLY D 33 -22.98 0.18 3.76
CA GLY D 33 -24.42 0.18 3.84
C GLY D 33 -24.93 -0.86 2.87
N GLN D 34 -26.22 -0.85 2.55
CA GLN D 34 -26.75 -1.82 1.61
C GLN D 34 -27.12 -1.15 0.30
N ILE D 35 -26.98 -1.86 -0.81
CA ILE D 35 -27.40 -1.29 -2.09
C ILE D 35 -28.91 -1.40 -2.23
N GLU D 36 -29.62 -0.27 -2.11
CA GLU D 36 -31.06 -0.28 -2.24
C GLU D 36 -31.46 -0.36 -3.72
N SER D 37 -30.75 0.39 -4.56
CA SER D 37 -30.93 0.31 -6.01
C SER D 37 -29.79 0.99 -6.78
N PHE D 38 -29.79 0.82 -8.09
CA PHE D 38 -28.73 1.35 -8.95
C PHE D 38 -29.23 1.45 -10.39
N ASP D 39 -28.61 2.32 -11.18
CA ASP D 39 -28.81 2.32 -12.62
C ASP D 39 -27.48 2.63 -13.30
N GLN D 40 -27.50 2.82 -14.62
CA GLN D 40 -26.27 3.02 -15.36
C GLN D 40 -25.14 3.85 -14.77
N PHE D 41 -25.48 4.92 -14.06
CA PHE D 41 -24.46 5.84 -13.57
C PHE D 41 -24.44 6.05 -12.06
N VAL D 42 -25.55 5.71 -11.38
CA VAL D 42 -25.61 5.92 -9.93
C VAL D 42 -25.96 4.65 -9.15
N ILE D 43 -25.71 4.71 -7.84
CA ILE D 43 -26.06 3.65 -6.91
C ILE D 43 -26.71 4.25 -5.68
N LEU D 44 -27.95 3.90 -5.41
CA LEU D 44 -28.62 4.34 -4.19
C LEU D 44 -28.18 3.45 -3.04
N LEU D 45 -27.40 4.02 -2.12
CA LEU D 45 -26.90 3.29 -0.96
C LEU D 45 -27.71 3.65 0.28
N LYS D 46 -28.05 2.65 1.07
CA LYS D 46 -28.93 2.82 2.22
C LYS D 46 -28.30 2.31 3.51
N ASN D 47 -28.03 3.25 4.42
CA ASN D 47 -27.62 2.92 5.78
C ASN D 47 -28.35 3.51 6.97
N THR D 48 -28.20 4.82 7.16
CA THR D 48 -28.98 5.53 8.16
C THR D 48 -29.83 6.43 7.24
N VAL D 49 -29.30 6.68 6.05
CA VAL D 49 -29.96 7.54 5.09
C VAL D 49 -29.65 7.09 3.66
N SER D 50 -30.66 7.13 2.79
CA SER D 50 -30.44 6.76 1.40
C SER D 50 -29.73 7.88 0.64
N GLN D 51 -28.50 7.62 0.26
CA GLN D 51 -27.67 8.58 -0.47
C GLN D 51 -27.36 8.06 -1.86
N MET D 52 -27.47 8.93 -2.85
CA MET D 52 -27.16 8.56 -4.24
C MET D 52 -25.69 8.81 -4.53
N VAL D 53 -24.98 7.74 -4.87
CA VAL D 53 -23.54 7.84 -5.15
C VAL D 53 -23.26 7.67 -6.64
N TYR D 54 -22.48 8.58 -7.19
CA TYR D 54 -22.09 8.47 -8.61
C TYR D 54 -21.00 7.42 -8.80
N LYS D 55 -21.17 6.59 -9.82
CA LYS D 55 -20.20 5.53 -10.12
C LYS D 55 -18.83 6.08 -10.51
N HIS D 56 -18.81 7.23 -11.16
CA HIS D 56 -17.54 7.82 -11.61
C HIS D 56 -16.67 8.29 -10.45
N ALA D 57 -17.22 8.24 -9.25
CA ALA D 57 -16.48 8.58 -8.05
C ALA D 57 -16.15 7.34 -7.26
N ILE D 58 -16.66 6.19 -7.71
CA ILE D 58 -16.43 4.92 -7.04
C ILE D 58 -15.23 4.18 -7.62
N SER D 59 -14.36 3.69 -6.75
CA SER D 59 -13.22 2.87 -7.19
C SER D 59 -13.35 1.36 -7.03
N THR D 60 -14.06 0.94 -5.99
CA THR D 60 -14.23 -0.48 -5.71
C THR D 60 -15.50 -0.65 -4.89
N VAL D 61 -16.21 -1.75 -5.14
CA VAL D 61 -17.36 -2.13 -4.34
C VAL D 61 -17.13 -3.51 -3.76
N VAL D 62 -16.99 -3.59 -2.44
CA VAL D 62 -16.65 -4.84 -1.78
C VAL D 62 -17.80 -5.38 -0.94
N PRO D 63 -18.31 -6.56 -1.32
CA PRO D 63 -19.38 -7.27 -0.60
C PRO D 63 -18.89 -7.80 0.74
N SER D 64 -19.79 -7.98 1.70
CA SER D 64 -19.43 -8.49 3.02
C SER D 64 -19.15 -9.99 2.98
N ARG D 65 -19.76 -10.68 2.03
CA ARG D 65 -19.69 -12.13 1.98
C ARG D 65 -19.88 -12.62 0.52
N PRO D 66 -19.24 -13.75 0.17
CA PRO D 66 -19.07 -14.17 -1.24
C PRO D 66 -20.54 -14.22 -1.64
N VAL D 67 -20.96 -13.30 -2.50
CA VAL D 67 -22.34 -13.30 -3.00
C VAL D 67 -22.05 -12.89 -4.45
N ALA E 1 -5.29 -1.06 -32.05
CA ALA E 1 -5.73 0.26 -32.49
C ALA E 1 -7.20 0.52 -32.14
N LYS E 2 -7.92 -0.55 -31.86
CA LYS E 2 -9.33 -0.44 -31.47
C LYS E 2 -9.28 -0.44 -29.95
N GLY E 3 -10.32 0.10 -29.31
CA GLY E 3 -10.33 0.26 -27.87
C GLY E 3 -10.16 -0.96 -27.01
N GLN E 4 -10.43 -2.13 -27.60
CA GLN E 4 -10.37 -3.44 -26.95
C GLN E 4 -9.29 -4.39 -27.51
N SER E 5 -8.70 -4.00 -28.66
CA SER E 5 -7.85 -4.87 -29.47
C SER E 5 -6.72 -5.32 -28.56
N LEU E 6 -6.26 -4.41 -27.70
CA LEU E 6 -5.22 -4.71 -26.73
C LEU E 6 -5.57 -5.01 -25.29
N GLN E 7 -6.64 -4.39 -24.80
CA GLN E 7 -7.02 -4.48 -23.39
C GLN E 7 -7.64 -5.86 -23.14
N ASP E 8 -8.52 -6.29 -24.03
CA ASP E 8 -9.25 -7.54 -23.82
C ASP E 8 -8.37 -8.81 -23.94
N PRO E 9 -7.54 -8.91 -25.00
CA PRO E 9 -6.67 -10.11 -25.00
C PRO E 9 -5.72 -10.10 -23.81
N PHE E 10 -5.31 -8.91 -23.36
CA PHE E 10 -4.45 -8.79 -22.20
C PHE E 10 -5.12 -9.31 -20.94
N LEU E 11 -6.32 -8.80 -20.67
CA LEU E 11 -7.09 -9.19 -19.49
C LEU E 11 -7.50 -10.66 -19.54
N ASN E 12 -7.89 -11.13 -20.72
CA ASN E 12 -8.23 -12.54 -20.92
C ASN E 12 -7.02 -13.45 -20.65
N ALA E 13 -5.84 -13.01 -21.10
CA ALA E 13 -4.60 -13.71 -20.81
C ALA E 13 -4.35 -13.74 -19.31
N LEU E 14 -4.68 -12.65 -18.63
CA LEU E 14 -4.52 -12.58 -17.18
C LEU E 14 -5.58 -13.42 -16.46
N ARG E 15 -6.64 -13.79 -17.18
CA ARG E 15 -7.76 -14.50 -16.58
C ARG E 15 -7.61 -16.01 -16.70
N ARG E 16 -7.25 -16.49 -17.89
CA ARG E 16 -7.06 -17.91 -18.13
C ARG E 16 -5.92 -18.46 -17.27
N GLU E 17 -4.75 -17.85 -17.41
CA GLU E 17 -3.56 -18.29 -16.71
C GLU E 17 -3.64 -18.04 -15.22
N ARG E 18 -4.59 -17.19 -14.82
CA ARG E 18 -4.82 -16.86 -13.43
C ARG E 18 -3.54 -16.32 -12.79
N VAL E 19 -2.92 -15.40 -13.53
CA VAL E 19 -1.70 -14.71 -13.12
C VAL E 19 -2.03 -13.73 -12.00
N PRO E 20 -1.21 -13.70 -10.94
CA PRO E 20 -1.49 -12.74 -9.89
C PRO E 20 -1.16 -11.32 -10.37
N VAL E 21 -2.13 -10.42 -10.24
CA VAL E 21 -1.96 -9.06 -10.74
C VAL E 21 -2.01 -8.02 -9.62
N SER E 22 -1.32 -6.91 -9.87
CA SER E 22 -1.37 -5.74 -9.01
C SER E 22 -2.04 -4.60 -9.77
N ILE E 23 -3.13 -4.09 -9.21
CA ILE E 23 -3.89 -3.01 -9.84
C ILE E 23 -3.71 -1.71 -9.07
N TYR E 24 -2.96 -0.79 -9.68
CA TYR E 24 -2.73 0.52 -9.11
C TYR E 24 -3.83 1.48 -9.52
N LEU E 25 -4.57 1.96 -8.52
CA LEU E 25 -5.61 2.96 -8.72
C LEU E 25 -4.99 4.35 -8.83
N VAL E 26 -5.79 5.31 -9.29
CA VAL E 26 -5.29 6.66 -9.52
C VAL E 26 -5.00 7.41 -8.22
N ASN E 27 -5.50 6.89 -7.10
CA ASN E 27 -5.28 7.52 -5.81
C ASN E 27 -3.97 7.08 -5.16
N GLY E 28 -3.43 5.96 -5.63
CA GLY E 28 -2.18 5.43 -5.12
C GLY E 28 -2.35 4.15 -4.33
N ILE E 29 -3.53 3.54 -4.45
CA ILE E 29 -3.83 2.29 -3.74
C ILE E 29 -3.50 1.10 -4.61
N LYS E 30 -2.74 0.15 -4.06
CA LYS E 30 -2.39 -1.05 -4.80
C LYS E 30 -3.26 -2.24 -4.40
N LEU E 31 -3.91 -2.86 -5.38
CA LEU E 31 -4.82 -3.97 -5.12
C LEU E 31 -4.32 -5.24 -5.77
N GLN E 32 -3.86 -6.20 -4.97
CA GLN E 32 -3.37 -7.45 -5.51
C GLN E 32 -4.46 -8.52 -5.52
N GLY E 33 -4.45 -9.37 -6.54
CA GLY E 33 -5.43 -10.44 -6.62
C GLY E 33 -5.46 -11.10 -7.98
N GLN E 34 -6.51 -11.87 -8.25
CA GLN E 34 -6.64 -12.53 -9.55
C GLN E 34 -7.87 -12.06 -10.31
N ILE E 35 -7.81 -12.07 -11.64
CA ILE E 35 -8.91 -11.61 -12.49
C ILE E 35 -9.90 -12.75 -12.78
N GLU E 36 -11.03 -12.79 -12.07
CA GLU E 36 -12.06 -13.79 -12.39
C GLU E 36 -12.88 -13.39 -13.62
N SER E 37 -13.26 -12.11 -13.69
CA SER E 37 -14.05 -11.62 -14.80
C SER E 37 -13.88 -10.12 -15.03
N PHE E 38 -14.21 -9.67 -16.23
CA PHE E 38 -14.20 -8.25 -16.57
C PHE E 38 -15.20 -7.97 -17.67
N ASP E 39 -15.71 -6.74 -17.71
CA ASP E 39 -16.48 -6.26 -18.85
C ASP E 39 -15.97 -4.85 -19.14
N GLN E 40 -16.61 -4.14 -20.07
CA GLN E 40 -16.15 -2.81 -20.48
C GLN E 40 -15.70 -1.77 -19.45
N PHE E 41 -16.37 -1.71 -18.28
CA PHE E 41 -16.06 -0.65 -17.32
C PHE E 41 -15.58 -1.15 -15.96
N VAL E 42 -15.89 -2.39 -15.62
CA VAL E 42 -15.40 -2.94 -14.36
C VAL E 42 -14.59 -4.24 -14.56
N ILE E 43 -13.78 -4.56 -13.55
CA ILE E 43 -12.98 -5.77 -13.51
C ILE E 43 -13.18 -6.41 -12.14
N LEU E 44 -13.28 -7.74 -12.08
CA LEU E 44 -13.39 -8.42 -10.79
C LEU E 44 -12.05 -8.97 -10.27
N LEU E 45 -11.88 -8.90 -8.96
CA LEU E 45 -10.64 -9.31 -8.30
C LEU E 45 -10.83 -10.53 -7.40
N LYS E 46 -9.79 -11.36 -7.34
CA LYS E 46 -9.84 -12.61 -6.60
C LYS E 46 -8.78 -12.67 -5.49
N ASN E 47 -9.10 -12.12 -4.32
CA ASN E 47 -8.26 -12.30 -3.15
C ASN E 47 -8.71 -13.00 -1.86
N THR E 48 -9.33 -12.24 -0.96
CA THR E 48 -10.00 -12.80 0.20
C THR E 48 -11.44 -12.90 -0.29
N VAL E 49 -11.95 -11.82 -0.85
CA VAL E 49 -13.28 -11.80 -1.46
C VAL E 49 -13.25 -11.15 -2.83
N SER E 50 -14.32 -11.35 -3.60
CA SER E 50 -14.43 -10.76 -4.93
C SER E 50 -14.86 -9.30 -4.81
N GLN E 51 -14.07 -8.38 -5.36
CA GLN E 51 -14.43 -6.97 -5.34
C GLN E 51 -14.51 -6.39 -6.76
N MET E 52 -15.53 -5.58 -7.00
CA MET E 52 -15.71 -4.98 -8.30
C MET E 52 -14.99 -3.65 -8.42
N VAL E 53 -13.91 -3.64 -9.19
CA VAL E 53 -13.10 -2.45 -9.38
C VAL E 53 -13.48 -1.74 -10.67
N TYR E 54 -13.79 -0.45 -10.57
CA TYR E 54 -14.11 0.35 -11.75
C TYR E 54 -12.84 0.71 -12.52
N LYS E 55 -12.88 0.55 -13.83
CA LYS E 55 -11.72 0.82 -14.67
C LYS E 55 -11.30 2.28 -14.68
N HIS E 56 -12.26 3.19 -14.52
CA HIS E 56 -11.96 4.62 -14.55
C HIS E 56 -11.13 5.06 -13.35
N ALA E 57 -11.09 4.20 -12.33
CA ALA E 57 -10.30 4.50 -11.13
C ALA E 57 -8.97 3.76 -11.18
N ILE E 58 -8.75 3.02 -12.27
CA ILE E 58 -7.53 2.23 -12.43
C ILE E 58 -6.48 2.96 -13.26
N SER E 59 -5.25 2.99 -12.77
CA SER E 59 -4.15 3.55 -13.53
C SER E 59 -3.39 2.44 -14.25
N THR E 60 -2.88 1.47 -13.49
CA THR E 60 -2.06 0.43 -14.11
C THR E 60 -2.39 -0.99 -13.66
N VAL E 61 -2.30 -1.93 -14.60
CA VAL E 61 -2.48 -3.35 -14.29
C VAL E 61 -1.17 -4.08 -14.56
N VAL E 62 -0.49 -4.47 -13.49
CA VAL E 62 0.84 -5.07 -13.59
C VAL E 62 0.84 -6.56 -13.24
N PRO E 63 1.21 -7.41 -14.21
CA PRO E 63 1.35 -8.84 -13.99
C PRO E 63 2.55 -9.14 -13.10
N SER E 64 2.64 -10.36 -12.55
CA SER E 64 3.75 -10.73 -11.68
C SER E 64 4.70 -11.71 -12.36
N ARG E 65 4.24 -12.32 -13.44
CA ARG E 65 5.07 -13.26 -14.21
C ARG E 65 5.15 -12.87 -15.69
N PRO E 66 6.35 -12.44 -16.13
CA PRO E 66 6.58 -12.08 -17.53
C PRO E 66 7.18 -13.23 -18.33
N ALA F 1 -7.00 19.07 -37.67
CA ALA F 1 -6.90 18.35 -36.40
C ALA F 1 -8.15 17.52 -36.14
N LYS F 2 -8.03 16.20 -36.31
CA LYS F 2 -9.14 15.29 -36.09
C LYS F 2 -8.83 14.30 -34.98
N GLY F 3 -9.81 13.47 -34.66
CA GLY F 3 -9.64 12.47 -33.62
C GLY F 3 -8.63 11.38 -33.89
N GLN F 4 -7.73 11.15 -32.93
CA GLN F 4 -6.69 10.13 -33.07
C GLN F 4 -6.07 10.26 -34.45
N SER F 5 -5.73 11.49 -34.85
CA SER F 5 -5.09 11.74 -36.12
C SER F 5 -3.71 12.22 -35.70
N LEU F 6 -3.54 12.41 -34.40
CA LEU F 6 -2.26 12.79 -33.82
C LEU F 6 -1.75 11.91 -32.69
N GLN F 7 -2.64 11.09 -32.14
CA GLN F 7 -2.31 10.29 -30.96
C GLN F 7 -1.77 8.98 -31.52
N ASP F 8 -2.52 8.36 -32.42
CA ASP F 8 -2.10 7.11 -33.03
C ASP F 8 -0.75 7.17 -33.76
N PRO F 9 -0.54 8.15 -34.66
CA PRO F 9 0.77 8.21 -35.32
C PRO F 9 1.91 8.50 -34.35
N PHE F 10 1.62 9.24 -33.29
CA PHE F 10 2.63 9.59 -32.29
C PHE F 10 3.07 8.34 -31.53
N LEU F 11 2.10 7.65 -30.95
CA LEU F 11 2.39 6.44 -30.18
C LEU F 11 2.98 5.36 -31.06
N ASN F 12 2.54 5.30 -32.31
CA ASN F 12 3.04 4.30 -33.26
C ASN F 12 4.47 4.62 -33.70
N ALA F 13 4.80 5.91 -33.77
CA ALA F 13 6.15 6.33 -34.06
C ALA F 13 7.04 5.98 -32.88
N LEU F 14 6.51 6.13 -31.68
CA LEU F 14 7.24 5.76 -30.47
C LEU F 14 7.41 4.25 -30.37
N ARG F 15 6.50 3.52 -31.01
CA ARG F 15 6.48 2.07 -30.93
C ARG F 15 7.43 1.43 -31.94
N ARG F 16 7.38 1.90 -33.19
CA ARG F 16 8.22 1.36 -34.24
C ARG F 16 9.70 1.62 -34.01
N GLU F 17 10.00 2.73 -33.32
CA GLU F 17 11.39 3.10 -33.07
C GLU F 17 11.91 2.49 -31.76
N ARG F 18 10.99 1.91 -30.97
CA ARG F 18 11.33 1.37 -29.65
C ARG F 18 12.02 2.42 -28.78
N VAL F 19 11.60 3.68 -28.94
CA VAL F 19 12.20 4.79 -28.22
C VAL F 19 11.67 4.88 -26.79
N PRO F 20 12.59 4.98 -25.81
CA PRO F 20 12.25 5.08 -24.39
C PRO F 20 11.35 6.28 -24.12
N VAL F 21 10.25 6.07 -23.39
CA VAL F 21 9.31 7.14 -23.11
C VAL F 21 9.06 7.35 -21.61
N SER F 22 8.49 8.51 -21.28
CA SER F 22 8.20 8.89 -19.91
C SER F 22 6.70 9.09 -19.74
N ILE F 23 6.04 8.17 -19.07
CA ILE F 23 4.60 8.32 -18.84
C ILE F 23 4.29 8.93 -17.48
N TYR F 24 3.92 10.21 -17.50
CA TYR F 24 3.49 10.92 -16.30
C TYR F 24 1.99 10.75 -16.11
N LEU F 25 1.62 10.10 -15.01
CA LEU F 25 0.22 9.89 -14.66
C LEU F 25 -0.36 11.16 -14.01
N VAL F 26 -1.67 11.14 -13.79
CA VAL F 26 -2.36 12.30 -13.22
C VAL F 26 -2.03 12.48 -11.74
N ASN F 27 -1.45 11.45 -11.13
CA ASN F 27 -1.09 11.50 -9.72
C ASN F 27 0.38 11.79 -9.47
N GLY F 28 1.11 12.16 -10.53
CA GLY F 28 2.49 12.56 -10.40
C GLY F 28 3.51 11.46 -10.65
N ILE F 29 3.07 10.21 -10.52
CA ILE F 29 3.94 9.06 -10.76
C ILE F 29 4.51 9.05 -12.18
N LYS F 30 5.81 8.79 -12.30
CA LYS F 30 6.47 8.67 -13.60
C LYS F 30 6.81 7.21 -13.90
N LEU F 31 6.53 6.79 -15.13
CA LEU F 31 6.80 5.41 -15.54
C LEU F 31 7.63 5.33 -16.82
N GLN F 32 8.86 4.85 -16.68
CA GLN F 32 9.75 4.67 -17.83
C GLN F 32 9.51 3.34 -18.56
N GLY F 33 9.80 3.32 -19.86
CA GLY F 33 9.75 2.09 -20.62
C GLY F 33 9.49 2.28 -22.11
N GLN F 34 9.28 1.17 -22.79
CA GLN F 34 8.96 1.20 -24.22
C GLN F 34 7.47 1.00 -24.46
N ILE F 35 6.99 1.46 -25.60
CA ILE F 35 5.62 1.23 -26.01
C ILE F 35 5.52 -0.05 -26.83
N GLU F 36 5.05 -1.12 -26.20
CA GLU F 36 4.90 -2.40 -26.91
C GLU F 36 3.72 -2.34 -27.87
N SER F 37 2.60 -1.82 -27.39
CA SER F 37 1.41 -1.65 -28.20
C SER F 37 0.35 -0.83 -27.47
N PHE F 38 -0.61 -0.31 -28.23
CA PHE F 38 -1.69 0.48 -27.66
C PHE F 38 -2.98 0.35 -28.44
N ASP F 39 -4.10 0.63 -27.78
CA ASP F 39 -5.38 0.75 -28.48
C ASP F 39 -6.04 2.02 -27.94
N GLN F 40 -7.26 2.30 -28.42
CA GLN F 40 -7.97 3.49 -28.00
C GLN F 40 -7.94 3.93 -26.53
N PHE F 41 -7.84 2.98 -25.61
CA PHE F 41 -7.92 3.29 -24.18
C PHE F 41 -6.70 2.93 -23.35
N VAL F 42 -5.92 1.95 -23.80
CA VAL F 42 -4.76 1.52 -23.01
C VAL F 42 -3.45 1.57 -23.78
N ILE F 43 -2.35 1.66 -23.02
CA ILE F 43 -1.00 1.64 -23.56
C ILE F 43 -0.18 0.58 -22.84
N LEU F 44 0.36 -0.37 -23.61
CA LEU F 44 1.20 -1.43 -23.04
C LEU F 44 2.64 -0.93 -22.90
N LEU F 45 3.16 -0.98 -21.68
CA LEU F 45 4.47 -0.43 -21.37
C LEU F 45 5.47 -1.48 -20.88
N LYS F 46 6.61 -1.56 -21.56
CA LYS F 46 7.66 -2.52 -21.21
C LYS F 46 8.85 -1.89 -20.50
N ASN F 47 9.06 -2.25 -19.24
CA ASN F 47 10.31 -1.95 -18.54
C ASN F 47 11.17 -3.10 -18.01
N THR F 48 10.67 -3.80 -16.99
CA THR F 48 11.28 -5.04 -16.53
C THR F 48 10.11 -6.01 -16.50
N VAL F 49 8.90 -5.45 -16.56
CA VAL F 49 7.67 -6.24 -16.60
C VAL F 49 7.01 -5.57 -17.79
N SER F 50 5.80 -6.02 -18.12
CA SER F 50 5.00 -5.46 -19.19
C SER F 50 3.79 -5.14 -18.33
N GLN F 51 3.23 -3.95 -18.52
CA GLN F 51 2.19 -3.43 -17.64
C GLN F 51 1.21 -2.82 -18.64
N MET F 52 -0.04 -2.69 -18.22
CA MET F 52 -1.06 -2.02 -19.03
C MET F 52 -1.50 -0.73 -18.34
N VAL F 53 -1.21 0.41 -18.95
CA VAL F 53 -1.58 1.71 -18.39
C VAL F 53 -2.84 2.26 -19.05
N TYR F 54 -3.81 2.66 -18.24
CA TYR F 54 -5.01 3.29 -18.77
C TYR F 54 -4.74 4.74 -19.16
N LYS F 55 -5.15 5.11 -20.37
CA LYS F 55 -4.89 6.45 -20.87
C LYS F 55 -5.52 7.54 -20.02
N HIS F 56 -6.67 7.24 -19.41
CA HIS F 56 -7.39 8.23 -18.63
C HIS F 56 -6.66 8.61 -17.35
N ALA F 57 -5.66 7.81 -16.97
CA ALA F 57 -4.84 8.09 -15.81
C ALA F 57 -3.52 8.72 -16.23
N ILE F 58 -3.34 8.89 -17.54
CA ILE F 58 -2.10 9.46 -18.07
C ILE F 58 -2.22 10.96 -18.27
N SER F 59 -1.27 11.70 -17.72
CA SER F 59 -1.20 13.14 -17.93
C SER F 59 -0.36 13.60 -19.11
N THR F 60 0.81 12.98 -19.28
CA THR F 60 1.72 13.39 -20.36
C THR F 60 2.59 12.20 -20.78
N VAL F 61 2.84 12.10 -22.08
CA VAL F 61 3.80 11.12 -22.60
C VAL F 61 4.98 11.89 -23.20
N VAL F 62 6.13 11.81 -22.53
CA VAL F 62 7.30 12.59 -22.94
C VAL F 62 8.43 11.70 -23.45
N PRO F 63 8.75 11.81 -24.75
CA PRO F 63 9.86 11.06 -25.34
C PRO F 63 11.25 11.58 -25.01
N SER F 64 12.25 10.72 -25.07
CA SER F 64 13.62 11.12 -24.74
C SER F 64 14.35 11.77 -25.91
N ARG F 65 13.87 12.95 -26.33
CA ARG F 65 14.45 13.74 -27.42
C ARG F 65 14.57 13.26 -28.89
N ALA G 1 12.01 8.59 25.49
CA ALA G 1 13.10 7.91 24.81
C ALA G 1 13.79 6.90 25.72
N LYS G 2 13.32 6.80 26.97
CA LYS G 2 13.87 5.84 27.91
C LYS G 2 13.21 4.47 27.74
N GLY G 3 13.90 3.42 28.18
CA GLY G 3 13.37 2.08 28.10
C GLY G 3 11.99 1.90 28.72
N GLN G 4 11.01 1.56 27.89
CA GLN G 4 9.66 1.20 28.32
C GLN G 4 8.79 2.31 28.92
N SER G 5 9.19 3.56 28.70
CA SER G 5 8.45 4.69 29.29
C SER G 5 7.15 4.98 28.54
N LEU G 6 7.05 4.53 27.29
CA LEU G 6 5.85 4.76 26.49
C LEU G 6 4.90 3.60 26.30
N GLN G 7 5.46 2.40 26.12
CA GLN G 7 4.66 1.21 25.86
C GLN G 7 3.74 0.84 27.02
N ASP G 8 4.30 0.78 28.23
CA ASP G 8 3.50 0.46 29.41
C ASP G 8 2.37 1.46 29.71
N PRO G 9 2.66 2.77 29.70
CA PRO G 9 1.54 3.69 29.94
C PRO G 9 0.47 3.59 28.85
N PHE G 10 0.91 3.34 27.62
CA PHE G 10 0.00 3.23 26.49
C PHE G 10 -0.93 2.03 26.65
N LEU G 11 -0.35 0.86 26.90
CA LEU G 11 -1.12 -0.36 27.06
C LEU G 11 -2.01 -0.31 28.30
N ASN G 12 -1.48 0.23 29.38
CA ASN G 12 -2.26 0.41 30.61
C ASN G 12 -3.45 1.33 30.40
N ALA G 13 -3.24 2.38 29.61
CA ALA G 13 -4.32 3.30 29.27
C ALA G 13 -5.37 2.60 28.41
N LEU G 14 -4.91 1.77 27.49
CA LEU G 14 -5.81 1.02 26.62
C LEU G 14 -6.64 0.00 27.40
N ARG G 15 -6.06 -0.57 28.45
CA ARG G 15 -6.74 -1.62 29.21
C ARG G 15 -7.66 -1.06 30.30
N ARG G 16 -7.16 -0.09 31.06
CA ARG G 16 -7.92 0.48 32.16
C ARG G 16 -9.25 1.05 31.70
N GLU G 17 -9.29 1.50 30.45
CA GLU G 17 -10.52 2.01 29.87
C GLU G 17 -11.24 0.93 29.05
N ARG G 18 -10.63 -0.25 28.99
CA ARG G 18 -11.15 -1.39 28.23
C ARG G 18 -11.51 -1.04 26.80
N VAL G 19 -10.70 -0.16 26.22
CA VAL G 19 -10.89 0.27 24.84
C VAL G 19 -10.63 -0.87 23.87
N PRO G 20 -11.58 -1.10 22.95
CA PRO G 20 -11.42 -2.12 21.92
C PRO G 20 -10.22 -1.80 21.01
N VAL G 21 -9.36 -2.78 20.81
CA VAL G 21 -8.16 -2.58 20.02
C VAL G 21 -8.02 -3.60 18.90
N SER G 22 -7.30 -3.20 17.86
CA SER G 22 -6.96 -4.07 16.76
C SER G 22 -5.45 -4.27 16.74
N ILE G 23 -5.02 -5.50 17.00
CA ILE G 23 -3.60 -5.82 17.01
C ILE G 23 -3.18 -6.49 15.72
N TYR G 24 -2.45 -5.76 14.88
CA TYR G 24 -1.93 -6.32 13.64
C TYR G 24 -0.64 -7.07 13.90
N LEU G 25 -0.58 -8.32 13.44
CA LEU G 25 0.65 -9.11 13.58
C LEU G 25 1.59 -8.85 12.42
N VAL G 26 2.79 -9.42 12.49
CA VAL G 26 3.79 -9.23 11.44
C VAL G 26 3.45 -10.02 10.18
N ASN G 27 2.46 -10.90 10.28
CA ASN G 27 2.04 -11.71 9.15
C ASN G 27 0.78 -11.18 8.46
N GLY G 28 0.21 -10.12 9.02
CA GLY G 28 -0.95 -9.50 8.43
C GLY G 28 -2.25 -9.77 9.17
N ILE G 29 -2.24 -10.81 10.00
CA ILE G 29 -3.41 -11.18 10.78
C ILE G 29 -3.83 -10.07 11.73
N LYS G 30 -5.10 -9.66 11.64
CA LYS G 30 -5.64 -8.66 12.56
C LYS G 30 -6.42 -9.31 13.70
N LEU G 31 -6.04 -8.97 14.92
CA LEU G 31 -6.69 -9.51 16.11
C LEU G 31 -7.50 -8.42 16.82
N GLN G 32 -8.81 -8.42 16.61
CA GLN G 32 -9.69 -7.52 17.34
C GLN G 32 -9.93 -8.07 18.74
N GLY G 33 -9.96 -7.20 19.74
CA GLY G 33 -10.22 -7.64 21.10
C GLY G 33 -10.00 -6.56 22.14
N GLN G 34 -9.91 -6.96 23.41
CA GLN G 34 -9.66 -6.01 24.48
C GLN G 34 -8.49 -6.47 25.34
N ILE G 35 -7.50 -5.61 25.50
CA ILE G 35 -6.36 -5.92 26.35
C ILE G 35 -6.83 -6.18 27.78
N GLU G 36 -6.64 -7.41 28.24
CA GLU G 36 -7.05 -7.81 29.58
C GLU G 36 -5.90 -7.61 30.56
N SER G 37 -4.67 -7.84 30.08
CA SER G 37 -3.44 -7.60 30.83
C SER G 37 -2.22 -7.81 29.92
N PHE G 38 -1.07 -7.29 30.35
CA PHE G 38 0.15 -7.38 29.55
C PHE G 38 1.38 -7.45 30.45
N ASP G 39 2.47 -8.01 29.95
CA ASP G 39 3.73 -7.97 30.66
C ASP G 39 4.88 -7.79 29.66
N GLN G 40 6.12 -7.85 30.14
CA GLN G 40 7.27 -7.60 29.27
C GLN G 40 7.28 -8.12 27.84
N PHE G 41 6.78 -9.34 27.63
CA PHE G 41 6.85 -9.95 26.30
C PHE G 41 5.51 -10.33 25.69
N VAL G 42 4.46 -10.40 26.50
CA VAL G 42 3.16 -10.83 25.99
C VAL G 42 2.02 -9.86 26.32
N ILE G 43 0.90 -10.06 25.63
CA ILE G 43 -0.32 -9.29 25.86
C ILE G 43 -1.50 -10.25 25.84
N LEU G 44 -2.25 -10.30 26.94
CA LEU G 44 -3.42 -11.17 27.03
C LEU G 44 -4.62 -10.47 26.40
N LEU G 45 -5.02 -10.94 25.23
CA LEU G 45 -6.12 -10.35 24.48
C LEU G 45 -7.43 -11.09 24.74
N LYS G 46 -8.44 -10.37 25.20
CA LYS G 46 -9.73 -10.97 25.51
C LYS G 46 -10.84 -10.47 24.59
N ASN G 47 -11.40 -11.38 23.80
CA ASN G 47 -12.59 -11.10 23.01
C ASN G 47 -13.66 -12.14 23.31
N THR G 48 -13.62 -13.26 22.60
CA THR G 48 -14.44 -14.41 22.91
C THR G 48 -13.70 -15.27 23.93
N VAL G 49 -12.42 -15.51 23.66
CA VAL G 49 -11.57 -16.31 24.52
C VAL G 49 -10.25 -15.58 24.78
N SER G 50 -9.78 -15.61 26.02
CA SER G 50 -8.52 -14.98 26.38
C SER G 50 -7.33 -15.69 25.75
N GLN G 51 -6.77 -15.09 24.70
CA GLN G 51 -5.60 -15.64 24.01
C GLN G 51 -4.36 -14.83 24.34
N MET G 52 -3.25 -15.52 24.59
CA MET G 52 -1.99 -14.84 24.86
C MET G 52 -1.24 -14.55 23.56
N VAL G 53 -0.89 -13.29 23.34
CA VAL G 53 -0.20 -12.88 22.13
C VAL G 53 1.23 -12.41 22.41
N TYR G 54 2.20 -13.02 21.74
CA TYR G 54 3.59 -12.59 21.90
C TYR G 54 3.86 -11.28 21.17
N LYS G 55 4.53 -10.35 21.86
CA LYS G 55 4.79 -9.03 21.30
C LYS G 55 5.71 -9.05 20.09
N HIS G 56 6.62 -10.01 20.04
CA HIS G 56 7.57 -10.09 18.93
C HIS G 56 6.88 -10.45 17.62
N ALA G 57 5.66 -10.95 17.73
CA ALA G 57 4.85 -11.25 16.56
C ALA G 57 3.91 -10.09 16.24
N ILE G 58 3.96 -9.05 17.08
CA ILE G 58 3.08 -7.90 16.90
C ILE G 58 3.77 -6.78 16.14
N SER G 59 3.07 -6.24 15.14
CA SER G 59 3.56 -5.08 14.40
C SER G 59 2.98 -3.79 14.98
N THR G 60 1.65 -3.72 15.06
CA THR G 60 1.00 -2.51 15.57
C THR G 60 -0.15 -2.78 16.53
N VAL G 61 -0.38 -1.84 17.43
CA VAL G 61 -1.53 -1.88 18.33
C VAL G 61 -2.39 -0.62 18.11
N VAL G 62 -3.52 -0.79 17.42
CA VAL G 62 -4.33 0.35 16.99
C VAL G 62 -5.64 0.43 17.77
N PRO G 63 -5.81 1.50 18.56
CA PRO G 63 -7.08 1.70 19.27
C PRO G 63 -8.20 2.08 18.31
N SER G 64 -9.42 1.68 18.61
CA SER G 64 -10.56 2.03 17.76
C SER G 64 -11.36 3.30 18.04
N ARG G 65 -11.21 3.82 19.25
CA ARG G 65 -11.84 5.08 19.63
C ARG G 65 -10.79 5.63 20.61
N PRO G 66 -10.35 6.88 20.40
CA PRO G 66 -9.12 7.51 20.93
C PRO G 66 -8.75 7.26 22.38
N VAL G 67 -7.44 7.16 22.63
CA VAL G 67 -6.88 7.13 23.98
C VAL G 67 -5.61 7.97 24.02
N GLY H 3 17.86 3.12 23.24
CA GLY H 3 18.42 4.18 22.42
C GLY H 3 18.89 3.71 21.06
N GLN H 4 19.94 4.29 20.49
CA GLN H 4 20.67 5.47 21.00
C GLN H 4 21.62 6.00 19.90
N SER H 5 22.27 7.13 20.19
CA SER H 5 23.34 7.68 19.34
C SER H 5 22.92 8.25 17.98
N LEU H 6 22.39 7.42 17.10
CA LEU H 6 22.01 7.87 15.76
C LEU H 6 20.51 7.69 15.55
N GLN H 7 19.92 6.76 16.27
CA GLN H 7 18.49 6.48 16.16
C GLN H 7 17.65 7.51 16.91
N ASP H 8 17.97 7.70 18.18
CA ASP H 8 17.23 8.63 19.03
C ASP H 8 17.24 10.10 18.56
N PRO H 9 18.42 10.64 18.19
CA PRO H 9 18.39 12.02 17.69
C PRO H 9 17.63 12.12 16.36
N PHE H 10 17.64 11.05 15.57
CA PHE H 10 16.91 11.04 14.31
C PHE H 10 15.41 11.10 14.55
N LEU H 11 14.93 10.24 15.43
CA LEU H 11 13.51 10.20 15.77
C LEU H 11 13.05 11.47 16.48
N ASN H 12 13.93 12.03 17.31
CA ASN H 12 13.63 13.29 18.00
C ASN H 12 13.53 14.46 17.03
N ALA H 13 14.47 14.51 16.08
CA ALA H 13 14.48 15.53 15.06
C ALA H 13 13.23 15.44 14.18
N LEU H 14 12.82 14.20 13.90
CA LEU H 14 11.60 13.98 13.10
C LEU H 14 10.34 14.30 13.90
N ARG H 15 10.40 14.13 15.21
CA ARG H 15 9.25 14.36 16.08
C ARG H 15 9.02 15.86 16.32
N ARG H 16 10.09 16.58 16.60
CA ARG H 16 10.02 18.02 16.90
C ARG H 16 9.42 18.80 15.74
N GLU H 17 9.96 18.58 14.53
CA GLU H 17 9.55 19.34 13.35
C GLU H 17 8.27 18.79 12.71
N ARG H 18 7.64 17.82 13.37
CA ARG H 18 6.42 17.19 12.87
C ARG H 18 6.57 16.73 11.42
N VAL H 19 7.78 16.32 11.06
CA VAL H 19 8.07 15.86 9.71
C VAL H 19 7.25 14.61 9.43
N PRO H 20 6.44 14.65 8.35
CA PRO H 20 5.69 13.46 7.93
C PRO H 20 6.66 12.34 7.60
N VAL H 21 6.38 11.13 8.05
CA VAL H 21 7.26 10.00 7.82
C VAL H 21 6.51 8.82 7.21
N SER H 22 7.24 7.97 6.53
CA SER H 22 6.69 6.73 5.98
C SER H 22 7.44 5.56 6.61
N ILE H 23 6.80 4.96 7.61
CA ILE H 23 7.33 3.77 8.26
C ILE H 23 7.02 2.54 7.42
N TYR H 24 8.06 1.78 7.09
CA TYR H 24 7.93 0.53 6.35
C TYR H 24 8.17 -0.66 7.29
N LEU H 25 7.14 -1.50 7.40
CA LEU H 25 7.24 -2.73 8.18
C LEU H 25 7.96 -3.81 7.38
N VAL H 26 8.34 -4.89 8.04
CA VAL H 26 9.07 -5.97 7.40
C VAL H 26 8.17 -6.78 6.46
N ASN H 27 6.86 -6.64 6.64
CA ASN H 27 5.92 -7.35 5.78
C ASN H 27 5.60 -6.58 4.50
N GLY H 28 6.07 -5.33 4.44
CA GLY H 28 5.86 -4.52 3.26
C GLY H 28 4.89 -3.36 3.41
N ILE H 29 4.04 -3.43 4.44
CA ILE H 29 3.03 -2.39 4.69
C ILE H 29 3.65 -1.04 5.04
N LYS H 30 3.17 0.02 4.39
CA LYS H 30 3.60 1.38 4.72
C LYS H 30 2.59 2.08 5.61
N LEU H 31 3.08 2.74 6.64
CA LEU H 31 2.27 3.55 7.52
C LEU H 31 2.73 5.00 7.42
N GLN H 32 1.78 5.93 7.38
CA GLN H 32 2.12 7.35 7.34
C GLN H 32 1.60 8.05 8.59
N GLY H 33 2.21 9.18 8.89
CA GLY H 33 1.82 9.97 10.04
C GLY H 33 3.02 10.69 10.61
N GLN H 34 2.89 11.20 11.83
CA GLN H 34 3.98 11.89 12.47
C GLN H 34 4.37 11.20 13.76
N ILE H 35 5.67 11.21 14.07
CA ILE H 35 6.15 10.67 15.34
C ILE H 35 5.62 11.55 16.46
N GLU H 36 4.84 10.94 17.36
CA GLU H 36 4.34 11.66 18.51
C GLU H 36 5.24 11.41 19.71
N SER H 37 5.67 10.17 19.83
CA SER H 37 6.55 9.76 20.92
C SER H 37 7.30 8.51 20.48
N PHE H 38 8.30 8.13 21.26
CA PHE H 38 9.02 6.88 21.02
C PHE H 38 9.87 6.53 22.24
N ASP H 39 9.92 5.24 22.57
CA ASP H 39 10.82 4.75 23.60
C ASP H 39 11.63 3.63 22.97
N GLN H 40 12.48 2.98 23.76
CA GLN H 40 13.33 1.92 23.23
C GLN H 40 12.79 0.90 22.25
N PHE H 41 11.53 0.53 22.37
CA PHE H 41 10.97 -0.54 21.56
C PHE H 41 9.79 -0.15 20.67
N VAL H 42 9.08 0.91 21.02
CA VAL H 42 7.92 1.30 20.20
C VAL H 42 7.96 2.76 19.75
N ILE H 43 7.18 3.05 18.72
CA ILE H 43 7.03 4.39 18.19
C ILE H 43 5.55 4.73 18.09
N LEU H 44 5.15 5.85 18.67
CA LEU H 44 3.76 6.29 18.60
C LEU H 44 3.52 7.07 17.31
N LEU H 45 2.92 6.41 16.33
CA LEU H 45 2.63 7.04 15.05
C LEU H 45 1.23 7.67 15.07
N LYS H 46 1.16 8.95 14.71
CA LYS H 46 -0.10 9.68 14.71
C LYS H 46 -0.50 10.18 13.33
N ASN H 47 -1.64 9.71 12.85
CA ASN H 47 -2.28 10.29 11.66
C ASN H 47 -3.74 10.74 11.69
N THR H 48 -4.64 9.79 11.87
CA THR H 48 -6.06 10.08 12.10
C THR H 48 -6.43 9.30 13.35
N VAL H 49 -5.59 8.33 13.69
CA VAL H 49 -5.69 7.59 14.93
C VAL H 49 -4.23 7.60 15.36
N SER H 50 -3.98 7.25 16.61
CA SER H 50 -2.62 7.25 17.13
C SER H 50 -2.24 5.83 17.56
N GLN H 51 -1.57 5.11 16.67
CA GLN H 51 -1.26 3.69 16.89
C GLN H 51 0.17 3.48 17.36
N MET H 52 0.39 2.40 18.10
CA MET H 52 1.72 2.05 18.57
C MET H 52 2.37 1.05 17.63
N VAL H 53 3.58 1.36 17.18
CA VAL H 53 4.27 0.51 16.23
C VAL H 53 5.55 -0.09 16.85
N TYR H 54 5.65 -1.41 16.85
CA TYR H 54 6.84 -2.06 17.37
C TYR H 54 8.02 -1.94 16.41
N LYS H 55 9.18 -1.57 16.94
CA LYS H 55 10.37 -1.35 16.12
C LYS H 55 10.84 -2.62 15.42
N HIS H 56 10.69 -3.76 16.09
CA HIS H 56 11.16 -5.04 15.55
C HIS H 56 10.41 -5.42 14.28
N ALA H 57 9.26 -4.79 14.06
CA ALA H 57 8.46 -5.05 12.87
C ALA H 57 8.79 -4.05 11.78
N ILE H 58 9.48 -2.98 12.14
CA ILE H 58 9.80 -1.91 11.20
C ILE H 58 11.06 -2.22 10.40
N SER H 59 10.96 -2.04 9.08
CA SER H 59 12.13 -2.17 8.22
C SER H 59 12.82 -0.82 8.00
N THR H 60 12.06 0.23 7.68
CA THR H 60 12.67 1.53 7.40
C THR H 60 11.81 2.72 7.86
N VAL H 61 12.44 3.83 8.24
CA VAL H 61 11.68 5.05 8.51
C VAL H 61 12.09 6.13 7.51
N VAL H 62 11.21 6.44 6.55
CA VAL H 62 11.54 7.37 5.48
C VAL H 62 10.92 8.76 5.69
N PRO H 63 11.74 9.73 6.09
CA PRO H 63 11.24 11.09 6.33
C PRO H 63 10.86 11.79 5.03
N SER H 64 9.56 11.93 4.78
CA SER H 64 9.08 12.58 3.57
C SER H 64 9.55 13.87 2.91
N ARG H 65 10.12 14.76 3.71
CA ARG H 65 10.61 16.05 3.21
C ARG H 65 12.04 15.86 3.72
N PRO H 66 13.03 16.58 3.01
CA PRO H 66 14.39 16.36 3.55
C PRO H 66 14.47 16.66 5.04
N VAL H 67 14.72 15.62 5.84
CA VAL H 67 14.82 15.78 7.31
C VAL H 67 14.10 16.96 7.98
N GLY I 3 31.90 -10.31 20.38
CA GLY I 3 32.49 -9.09 19.87
C GLY I 3 31.69 -8.49 18.73
N GLN I 4 31.67 -7.16 18.67
CA GLN I 4 31.02 -6.44 17.59
C GLN I 4 32.00 -5.82 16.61
N SER I 5 33.15 -6.46 16.49
CA SER I 5 34.31 -5.84 15.85
C SER I 5 34.55 -6.06 14.37
N LEU I 6 33.52 -6.53 13.67
CA LEU I 6 33.58 -6.67 12.22
C LEU I 6 32.50 -5.89 11.50
N GLN I 7 31.53 -5.41 12.26
CA GLN I 7 30.37 -4.72 11.69
C GLN I 7 30.81 -3.26 11.60
N ASP I 8 31.35 -2.72 12.70
CA ASP I 8 31.84 -1.34 12.73
C ASP I 8 32.88 -1.01 11.64
N PRO I 9 34.09 -1.65 11.68
CA PRO I 9 35.12 -1.25 10.71
C PRO I 9 34.64 -1.39 9.27
N PHE I 10 33.74 -2.33 9.02
CA PHE I 10 33.10 -2.49 7.72
C PHE I 10 32.25 -1.28 7.36
N LEU I 11 31.27 -0.97 8.21
CA LEU I 11 30.36 0.14 7.95
C LEU I 11 31.07 1.50 7.88
N ASN I 12 32.06 1.70 8.73
CA ASN I 12 32.87 2.92 8.71
C ASN I 12 33.75 3.00 7.47
N ALA I 13 34.24 1.85 7.01
CA ALA I 13 35.02 1.79 5.78
C ALA I 13 34.16 2.20 4.60
N LEU I 14 32.94 1.66 4.56
CA LEU I 14 31.97 2.02 3.52
C LEU I 14 31.60 3.51 3.59
N ARG I 15 31.39 4.00 4.80
CA ARG I 15 31.01 5.40 5.05
C ARG I 15 32.08 6.36 4.55
N ARG I 16 33.34 6.04 4.88
CA ARG I 16 34.50 6.86 4.54
C ARG I 16 34.78 6.91 3.04
N GLU I 17 34.64 5.77 2.38
CA GLU I 17 34.95 5.68 0.96
C GLU I 17 33.74 6.06 0.11
N ARG I 18 32.65 6.45 0.79
CA ARG I 18 31.41 6.85 0.12
C ARG I 18 30.96 5.88 -0.95
N VAL I 19 31.25 4.60 -0.75
CA VAL I 19 30.93 3.57 -1.74
C VAL I 19 29.44 3.23 -1.75
N PRO I 20 28.83 3.29 -2.94
CA PRO I 20 27.43 2.92 -3.16
C PRO I 20 27.19 1.47 -2.79
N VAL I 21 26.31 1.23 -1.83
CA VAL I 21 26.03 -0.13 -1.36
C VAL I 21 24.62 -0.56 -1.74
N SER I 22 24.37 -1.85 -1.64
CA SER I 22 23.04 -2.40 -1.86
C SER I 22 22.63 -3.16 -0.60
N ILE I 23 21.66 -2.61 0.12
CA ILE I 23 21.20 -3.22 1.36
C ILE I 23 19.96 -4.06 1.10
N TYR I 24 20.14 -5.38 1.19
CA TYR I 24 19.04 -6.32 1.03
C TYR I 24 18.30 -6.48 2.34
N LEU I 25 16.97 -6.46 2.28
CA LEU I 25 16.17 -6.72 3.47
C LEU I 25 15.72 -8.17 3.48
N VAL I 26 15.19 -8.62 4.62
CA VAL I 26 14.76 -10.01 4.76
C VAL I 26 13.58 -10.36 3.87
N ASN I 27 12.89 -9.34 3.36
CA ASN I 27 11.77 -9.55 2.46
C ASN I 27 12.17 -9.42 1.00
N GLY I 28 13.48 -9.29 0.76
CA GLY I 28 14.00 -9.27 -0.60
C GLY I 28 14.13 -7.89 -1.24
N ILE I 29 13.76 -6.84 -0.52
CA ILE I 29 13.86 -5.48 -1.04
C ILE I 29 15.33 -5.03 -1.14
N LYS I 30 15.68 -4.34 -2.21
CA LYS I 30 17.04 -3.85 -2.41
C LYS I 30 17.08 -2.33 -2.25
N LEU I 31 17.92 -1.85 -1.35
CA LEU I 31 18.04 -0.42 -1.09
C LEU I 31 19.44 0.08 -1.41
N GLN I 32 19.58 0.73 -2.55
CA GLN I 32 20.88 1.28 -2.96
C GLN I 32 21.07 2.68 -2.40
N GLY I 33 22.32 3.03 -2.12
CA GLY I 33 22.62 4.35 -1.59
C GLY I 33 23.92 4.44 -0.80
N GLN I 34 24.07 5.53 -0.06
CA GLN I 34 25.29 5.76 0.73
C GLN I 34 25.03 5.64 2.22
N ILE I 35 26.07 5.25 2.97
CA ILE I 35 25.96 5.12 4.42
C ILE I 35 26.41 6.40 5.13
N GLU I 36 25.43 7.19 5.58
CA GLU I 36 25.70 8.44 6.27
C GLU I 36 26.35 8.20 7.63
N SER I 37 25.62 7.48 8.49
CA SER I 37 26.11 7.14 9.82
C SER I 37 25.36 5.93 10.32
N PHE I 38 25.82 5.35 11.42
CA PHE I 38 25.19 4.18 12.00
C PHE I 38 25.48 4.04 13.49
N ASP I 39 24.78 3.13 14.14
CA ASP I 39 25.03 2.84 15.54
C ASP I 39 24.69 1.37 15.75
N GLN I 40 24.47 1.00 17.01
CA GLN I 40 24.18 -0.39 17.35
C GLN I 40 23.06 -1.08 16.55
N PHE I 41 22.00 -0.36 16.27
CA PHE I 41 20.81 -0.98 15.69
C PHE I 41 20.22 -0.34 14.43
N VAL I 42 20.88 0.69 13.90
CA VAL I 42 20.32 1.39 12.75
C VAL I 42 21.44 1.85 11.82
N ILE I 43 21.14 1.85 10.53
CA ILE I 43 22.03 2.34 9.49
C ILE I 43 21.36 3.49 8.76
N LEU I 44 22.01 4.64 8.75
CA LEU I 44 21.48 5.80 8.04
C LEU I 44 21.89 5.72 6.58
N LEU I 45 20.91 5.68 5.67
CA LEU I 45 21.17 5.46 4.26
C LEU I 45 20.78 6.54 3.25
N LYS I 46 21.80 7.21 2.71
CA LYS I 46 21.62 8.35 1.82
C LYS I 46 21.48 8.71 0.33
N ASN I 47 20.38 8.28 -0.28
CA ASN I 47 20.06 8.66 -1.66
C ASN I 47 19.47 9.86 -2.40
N THR I 48 18.23 10.20 -2.07
CA THR I 48 17.65 11.46 -2.50
C THR I 48 17.15 11.98 -1.15
N VAL I 49 17.01 11.04 -0.22
CA VAL I 49 16.57 11.33 1.12
C VAL I 49 17.29 10.37 2.07
N SER I 50 17.62 10.88 3.26
CA SER I 50 18.29 10.09 4.29
C SER I 50 17.28 9.27 5.07
N GLN I 51 17.21 7.97 4.80
CA GLN I 51 16.27 7.09 5.49
C GLN I 51 16.98 6.24 6.54
N MET I 52 16.30 5.96 7.64
CA MET I 52 16.86 5.14 8.70
C MET I 52 16.44 3.69 8.53
N VAL I 53 17.41 2.79 8.48
CA VAL I 53 17.12 1.37 8.28
C VAL I 53 17.49 0.54 9.50
N TYR I 54 16.53 -0.20 10.04
CA TYR I 54 16.80 -1.07 11.18
C TYR I 54 17.61 -2.29 10.76
N LYS I 55 18.69 -2.56 11.48
CA LYS I 55 19.58 -3.66 11.16
C LYS I 55 18.88 -5.02 11.18
N HIS I 56 17.92 -5.17 12.08
CA HIS I 56 17.24 -6.45 12.26
C HIS I 56 16.38 -6.83 11.04
N ALA I 57 16.16 -5.87 10.15
CA ALA I 57 15.40 -6.13 8.93
C ALA I 57 16.35 -6.36 7.74
N ILE I 58 17.64 -6.27 8.00
CA ILE I 58 18.65 -6.43 6.95
C ILE I 58 19.21 -7.84 6.91
N SER I 59 19.32 -8.39 5.70
CA SER I 59 19.96 -9.70 5.52
C SER I 59 21.43 -9.52 5.14
N THR I 60 21.67 -8.82 4.03
CA THR I 60 23.04 -8.61 3.55
C THR I 60 23.28 -7.17 3.11
N VAL I 61 24.52 -6.72 3.31
CA VAL I 61 24.95 -5.40 2.85
C VAL I 61 26.06 -5.59 1.81
N VAL I 62 25.75 -5.31 0.55
CA VAL I 62 26.66 -5.63 -0.55
C VAL I 62 27.23 -4.40 -1.27
N PRO I 63 28.52 -4.11 -1.04
CA PRO I 63 29.21 -3.02 -1.74
C PRO I 63 29.28 -3.25 -3.25
N SER I 64 29.31 -2.18 -4.03
CA SER I 64 29.51 -2.29 -5.46
C SER I 64 31.01 -2.27 -5.75
N ARG I 65 31.77 -1.75 -4.78
CA ARG I 65 33.22 -1.73 -4.86
C ARG I 65 33.83 -2.72 -3.89
N PRO I 66 35.15 -2.96 -4.01
CA PRO I 66 35.90 -3.59 -2.93
C PRO I 66 36.21 -2.57 -1.82
N VAL I 67 36.36 -3.04 -0.58
CA VAL I 67 36.67 -2.18 0.57
C VAL I 67 35.67 -1.04 0.78
N ALA J 1 -22.09 28.52 -27.99
CA ALA J 1 -21.96 27.71 -29.20
C ALA J 1 -21.99 26.21 -28.85
N LYS J 2 -21.93 25.37 -29.89
CA LYS J 2 -21.99 23.92 -29.70
C LYS J 2 -20.82 23.19 -30.38
N GLY J 3 -20.54 21.99 -29.89
CA GLY J 3 -19.53 21.14 -30.51
C GLY J 3 -18.09 21.56 -30.26
N GLN J 4 -17.39 21.89 -31.34
CA GLN J 4 -15.98 22.26 -31.26
C GLN J 4 -15.77 23.66 -31.84
N SER J 5 -16.86 24.43 -31.90
CA SER J 5 -16.82 25.75 -32.52
C SER J 5 -15.99 26.77 -31.73
N LEU J 6 -15.56 26.39 -30.53
CA LEU J 6 -14.69 27.25 -29.75
C LEU J 6 -13.33 26.72 -29.31
N GLN J 7 -13.16 25.41 -29.39
CA GLN J 7 -11.95 24.75 -28.92
C GLN J 7 -11.03 24.69 -30.13
N ASP J 8 -11.53 24.16 -31.23
CA ASP J 8 -10.74 24.03 -32.46
C ASP J 8 -10.17 25.34 -33.01
N PRO J 9 -11.02 26.38 -33.18
CA PRO J 9 -10.43 27.62 -33.71
C PRO J 9 -9.49 28.29 -32.71
N PHE J 10 -9.67 28.00 -31.43
CA PHE J 10 -8.85 28.60 -30.38
C PHE J 10 -7.46 27.99 -30.38
N LEU J 11 -7.40 26.66 -30.41
CA LEU J 11 -6.11 25.97 -30.45
C LEU J 11 -5.44 26.18 -31.80
N ASN J 12 -6.25 26.27 -32.85
CA ASN J 12 -5.74 26.62 -34.18
C ASN J 12 -5.12 28.01 -34.17
N ALA J 13 -5.76 28.94 -33.48
CA ALA J 13 -5.25 30.30 -33.37
C ALA J 13 -3.93 30.30 -32.61
N LEU J 14 -3.89 29.57 -31.50
CA LEU J 14 -2.66 29.44 -30.72
C LEU J 14 -1.57 28.72 -31.50
N ARG J 15 -1.96 27.99 -32.54
CA ARG J 15 -1.04 27.21 -33.36
C ARG J 15 -0.51 27.81 -34.67
N ARG J 16 -1.29 28.73 -35.25
CA ARG J 16 -0.90 29.44 -36.48
C ARG J 16 0.00 30.56 -35.99
N GLU J 17 -0.44 31.26 -34.95
CA GLU J 17 0.32 32.40 -34.44
C GLU J 17 1.52 31.99 -33.59
N ARG J 18 1.71 30.68 -33.42
CA ARG J 18 2.81 30.15 -32.61
C ARG J 18 2.86 30.79 -31.22
N VAL J 19 1.69 31.15 -30.70
CA VAL J 19 1.62 31.81 -29.41
C VAL J 19 2.07 30.87 -28.30
N PRO J 20 3.01 31.33 -27.47
CA PRO J 20 3.42 30.57 -26.28
C PRO J 20 2.24 30.43 -25.34
N VAL J 21 1.98 29.22 -24.88
CA VAL J 21 0.89 28.94 -23.97
C VAL J 21 1.37 28.34 -22.66
N SER J 22 0.66 28.73 -21.60
CA SER J 22 0.72 28.06 -20.33
C SER J 22 -0.49 27.14 -20.30
N ILE J 23 -0.24 25.85 -20.08
CA ILE J 23 -1.30 24.86 -19.98
C ILE J 23 -1.22 24.24 -18.60
N TYR J 24 -2.19 24.58 -17.77
CA TYR J 24 -2.23 24.07 -16.40
C TYR J 24 -2.92 22.71 -16.37
N LEU J 25 -2.43 21.83 -15.50
CA LEU J 25 -3.01 20.51 -15.37
C LEU J 25 -3.91 20.44 -14.14
N VAL J 26 -4.77 19.42 -14.10
CA VAL J 26 -5.72 19.26 -13.00
C VAL J 26 -5.02 19.00 -11.67
N ASN J 27 -3.75 18.60 -11.74
CA ASN J 27 -2.97 18.34 -10.53
C ASN J 27 -2.12 19.54 -10.10
N GLY J 28 -2.25 20.64 -10.84
CA GLY J 28 -1.56 21.87 -10.50
C GLY J 28 -0.33 22.13 -11.35
N ILE J 29 0.20 21.09 -11.97
CA ILE J 29 1.40 21.20 -12.78
C ILE J 29 1.20 22.15 -13.96
N LYS J 30 2.13 23.10 -14.11
CA LYS J 30 2.08 24.05 -15.22
C LYS J 30 3.03 23.63 -16.33
N LEU J 31 2.53 23.59 -17.56
CA LEU J 31 3.37 23.25 -18.71
C LEU J 31 3.42 24.41 -19.69
N GLN J 32 4.62 24.90 -20.01
CA GLN J 32 4.74 26.01 -20.95
C GLN J 32 5.34 25.55 -22.28
N GLY J 33 4.86 26.13 -23.37
CA GLY J 33 5.40 25.77 -24.68
C GLY J 33 4.52 26.23 -25.83
N GLN J 34 4.72 25.67 -27.01
CA GLN J 34 3.93 26.06 -28.18
C GLN J 34 3.13 24.89 -28.71
N ILE J 35 1.84 25.10 -28.93
CA ILE J 35 0.99 24.05 -29.48
C ILE J 35 1.72 23.81 -30.80
N GLU J 36 2.08 22.56 -31.04
CA GLU J 36 2.71 22.18 -32.30
C GLU J 36 1.50 21.61 -33.01
N SER J 37 0.72 20.83 -32.28
CA SER J 37 -0.50 20.26 -32.84
C SER J 37 -1.46 19.83 -31.74
N PHE J 38 -2.65 19.41 -32.14
CA PHE J 38 -3.64 18.86 -31.22
C PHE J 38 -4.58 17.96 -32.01
N ASP J 39 -5.46 17.26 -31.32
CA ASP J 39 -6.58 16.59 -31.96
C ASP J 39 -7.68 16.46 -30.91
N GLN J 40 -8.72 15.70 -31.21
CA GLN J 40 -9.80 15.57 -30.24
C GLN J 40 -9.46 15.33 -28.78
N PHE J 41 -8.41 14.54 -28.53
CA PHE J 41 -8.09 14.11 -27.18
C PHE J 41 -6.74 14.60 -26.66
N VAL J 42 -5.79 14.81 -27.55
CA VAL J 42 -4.46 15.23 -27.12
C VAL J 42 -3.99 16.54 -27.74
N ILE J 43 -2.98 17.14 -27.11
CA ILE J 43 -2.30 18.32 -27.63
C ILE J 43 -0.80 18.06 -27.64
N LEU J 44 -0.18 18.14 -28.81
CA LEU J 44 1.26 18.01 -28.92
C LEU J 44 1.94 19.34 -28.58
N LEU J 45 2.59 19.37 -27.42
CA LEU J 45 3.20 20.58 -26.91
C LEU J 45 4.70 20.84 -26.92
N LYS J 46 5.15 21.66 -27.85
CA LYS J 46 6.56 21.90 -28.10
C LYS J 46 7.79 22.68 -27.64
N ASN J 47 8.19 22.47 -26.40
CA ASN J 47 9.42 23.07 -25.90
C ASN J 47 10.91 22.93 -25.67
N THR J 48 11.27 21.89 -24.94
CA THR J 48 12.66 21.49 -24.82
C THR J 48 12.47 20.15 -25.54
N VAL J 49 11.29 19.54 -25.40
CA VAL J 49 10.96 18.30 -26.12
C VAL J 49 9.47 18.39 -26.51
N SER J 50 9.09 17.71 -27.60
CA SER J 50 7.70 17.73 -28.07
C SER J 50 6.99 16.61 -27.31
N GLN J 51 6.15 16.98 -26.35
CA GLN J 51 5.45 16.00 -25.53
C GLN J 51 3.94 16.00 -25.81
N MET J 52 3.32 14.84 -25.64
CA MET J 52 1.89 14.69 -25.85
C MET J 52 1.13 14.86 -24.54
N VAL J 53 0.20 15.80 -24.50
CA VAL J 53 -0.58 16.07 -23.29
C VAL J 53 -2.03 15.69 -23.48
N TYR J 54 -2.56 14.86 -22.60
CA TYR J 54 -3.96 14.46 -22.66
C TYR J 54 -4.87 15.56 -22.12
N LYS J 55 -5.89 15.91 -22.89
CA LYS J 55 -6.81 16.98 -22.52
C LYS J 55 -7.54 16.74 -21.20
N HIS J 56 -7.81 15.47 -20.90
CA HIS J 56 -8.51 15.13 -19.65
C HIS J 56 -7.68 15.48 -18.42
N ALA J 57 -6.38 15.65 -18.60
CA ALA J 57 -5.50 16.06 -17.52
C ALA J 57 -5.32 17.58 -17.51
N ILE J 58 -5.83 18.23 -18.55
CA ILE J 58 -5.72 19.68 -18.68
C ILE J 58 -6.88 20.41 -18.03
N SER J 59 -6.56 21.40 -17.19
CA SER J 59 -7.59 22.23 -16.58
C SER J 59 -7.85 23.46 -17.44
N THR J 60 -6.81 24.25 -17.68
CA THR J 60 -6.93 25.47 -18.49
C THR J 60 -5.79 25.63 -19.48
N VAL J 61 -6.08 26.25 -20.62
CA VAL J 61 -5.04 26.62 -21.57
C VAL J 61 -4.92 28.15 -21.60
N VAL J 62 -3.83 28.66 -21.05
CA VAL J 62 -3.63 30.09 -20.92
C VAL J 62 -2.52 30.58 -21.82
N PRO J 63 -2.88 31.35 -22.87
CA PRO J 63 -1.88 31.97 -23.73
C PRO J 63 -0.93 32.87 -22.92
N SER J 64 0.38 32.64 -23.04
CA SER J 64 1.36 33.46 -22.32
C SER J 64 1.39 34.88 -22.87
N ARG J 65 1.37 35.86 -21.98
CA ARG J 65 1.34 37.26 -22.38
C ARG J 65 2.76 37.82 -22.54
N ALA K 1 -35.01 18.56 -17.51
CA ALA K 1 -34.29 17.44 -16.91
C ALA K 1 -33.73 16.47 -17.95
N LYS K 2 -33.84 16.87 -19.23
CA LYS K 2 -33.31 16.07 -20.33
C LYS K 2 -32.22 16.83 -21.08
N GLY K 3 -31.27 16.09 -21.64
CA GLY K 3 -30.20 16.68 -22.44
C GLY K 3 -29.44 17.79 -21.72
N GLN K 4 -28.97 18.76 -22.50
CA GLN K 4 -28.31 19.94 -21.94
C GLN K 4 -29.27 21.13 -21.88
N SER K 5 -30.56 20.84 -21.71
CA SER K 5 -31.58 21.90 -21.66
C SER K 5 -31.24 22.99 -20.63
N LEU K 6 -30.54 22.59 -19.56
CA LEU K 6 -30.12 23.53 -18.52
C LEU K 6 -28.70 24.09 -18.38
N GLN K 7 -27.77 23.59 -19.19
CA GLN K 7 -26.37 23.98 -19.09
C GLN K 7 -26.04 25.02 -20.16
N ASP K 8 -26.70 24.91 -21.31
CA ASP K 8 -26.51 25.86 -22.40
C ASP K 8 -27.29 27.15 -22.10
N PRO K 9 -28.56 27.05 -21.66
CA PRO K 9 -29.28 28.29 -21.34
C PRO K 9 -28.63 29.06 -20.18
N PHE K 10 -28.05 28.31 -19.24
CA PHE K 10 -27.39 28.92 -18.08
C PHE K 10 -26.17 29.70 -18.52
N LEU K 11 -25.26 29.03 -19.23
CA LEU K 11 -24.03 29.66 -19.70
C LEU K 11 -24.30 30.81 -20.67
N ASN K 12 -25.32 30.64 -21.51
CA ASN K 12 -25.69 31.70 -22.46
C ASN K 12 -26.27 32.93 -21.76
N ALA K 13 -27.11 32.69 -20.76
CA ALA K 13 -27.65 33.78 -19.95
C ALA K 13 -26.52 34.49 -19.22
N LEU K 14 -25.51 33.71 -18.81
CA LEU K 14 -24.34 34.27 -18.14
C LEU K 14 -23.44 35.04 -19.11
N ARG K 15 -23.56 34.74 -20.41
CA ARG K 15 -22.81 35.47 -21.43
C ARG K 15 -23.42 36.74 -22.03
N ARG K 16 -24.74 36.74 -22.22
CA ARG K 16 -25.46 37.87 -22.82
C ARG K 16 -25.63 38.95 -21.76
N GLU K 17 -25.36 38.62 -20.50
CA GLU K 17 -25.52 39.58 -19.42
C GLU K 17 -24.15 39.99 -18.87
N ARG K 18 -23.10 39.39 -19.43
CA ARG K 18 -21.72 39.66 -19.03
C ARG K 18 -21.50 39.58 -17.52
N VAL K 19 -22.10 38.56 -16.90
CA VAL K 19 -22.05 38.40 -15.45
C VAL K 19 -20.62 38.01 -15.08
N PRO K 20 -20.14 38.50 -13.93
CA PRO K 20 -18.80 38.16 -13.41
C PRO K 20 -18.99 36.90 -12.55
N VAL K 21 -18.87 35.75 -13.20
CA VAL K 21 -19.07 34.46 -12.56
C VAL K 21 -17.75 33.92 -12.01
N SER K 22 -17.82 33.04 -11.02
CA SER K 22 -16.62 32.39 -10.52
C SER K 22 -16.67 30.89 -10.82
N ILE K 23 -15.61 30.38 -11.43
CA ILE K 23 -15.54 28.98 -11.80
C ILE K 23 -14.64 28.23 -10.83
N TYR K 24 -15.20 27.26 -10.12
CA TYR K 24 -14.42 26.44 -9.22
C TYR K 24 -14.01 25.13 -9.88
N LEU K 25 -12.70 24.89 -9.93
CA LEU K 25 -12.14 23.68 -10.50
C LEU K 25 -12.19 22.54 -9.49
N VAL K 26 -11.97 21.31 -9.94
CA VAL K 26 -12.08 20.13 -9.09
C VAL K 26 -10.94 20.05 -8.09
N ASN K 27 -9.88 20.83 -8.36
CA ASN K 27 -8.67 20.85 -7.55
C ASN K 27 -8.73 21.90 -6.47
N GLY K 28 -9.76 22.74 -6.55
CA GLY K 28 -9.95 23.79 -5.57
C GLY K 28 -9.75 25.21 -6.10
N ILE K 29 -8.93 25.37 -7.15
CA ILE K 29 -8.61 26.69 -7.68
C ILE K 29 -9.87 27.45 -8.13
N LYS K 30 -9.91 28.76 -7.90
CA LYS K 30 -11.06 29.57 -8.29
C LYS K 30 -10.67 30.59 -9.36
N LEU K 31 -11.36 30.54 -10.50
CA LEU K 31 -11.11 31.47 -11.59
C LEU K 31 -12.26 32.47 -11.66
N GLN K 32 -11.98 33.70 -12.09
CA GLN K 32 -13.04 34.69 -12.21
C GLN K 32 -12.94 35.44 -13.53
N GLY K 33 -14.07 35.98 -13.98
CA GLY K 33 -14.13 36.73 -15.21
C GLY K 33 -15.49 36.61 -15.86
N GLN K 34 -15.52 36.68 -17.18
CA GLN K 34 -16.78 36.59 -17.92
C GLN K 34 -16.73 35.46 -18.95
N ILE K 35 -17.91 35.08 -19.46
CA ILE K 35 -18.02 34.00 -20.41
C ILE K 35 -18.25 34.57 -21.80
N GLU K 36 -17.18 34.77 -22.59
CA GLU K 36 -17.34 35.34 -23.93
C GLU K 36 -17.90 34.32 -24.91
N SER K 37 -17.57 33.05 -24.68
CA SER K 37 -18.07 31.98 -25.53
C SER K 37 -17.88 30.65 -24.82
N PHE K 38 -18.45 29.60 -25.40
CA PHE K 38 -18.30 28.25 -24.87
C PHE K 38 -18.84 27.24 -25.87
N ASP K 39 -18.27 26.04 -25.87
CA ASP K 39 -18.85 24.94 -26.65
C ASP K 39 -19.10 23.82 -25.63
N GLN K 40 -19.60 22.68 -26.09
CA GLN K 40 -19.84 21.56 -25.17
C GLN K 40 -18.77 20.97 -24.26
N PHE K 41 -17.51 21.34 -24.48
CA PHE K 41 -16.41 20.79 -23.69
C PHE K 41 -15.57 21.85 -22.97
N VAL K 42 -15.52 23.04 -23.55
CA VAL K 42 -14.72 24.12 -22.96
C VAL K 42 -15.52 25.41 -22.76
N ILE K 43 -14.93 26.34 -22.03
CA ILE K 43 -15.53 27.64 -21.76
C ILE K 43 -14.46 28.73 -21.84
N LEU K 44 -14.72 29.74 -22.67
CA LEU K 44 -13.82 30.87 -22.79
C LEU K 44 -14.06 31.88 -21.67
N LEU K 45 -13.10 31.98 -20.76
CA LEU K 45 -13.16 32.92 -19.65
C LEU K 45 -12.50 34.14 -20.28
N LYS K 46 -12.91 35.33 -19.84
CA LYS K 46 -12.24 36.56 -20.24
C LYS K 46 -12.05 37.12 -18.83
N ASN K 47 -10.84 37.59 -18.55
CA ASN K 47 -10.59 38.40 -17.35
C ASN K 47 -9.40 39.17 -17.87
N THR K 48 -8.51 39.59 -16.97
CA THR K 48 -7.28 40.25 -17.38
C THR K 48 -6.76 39.64 -18.68
N VAL K 49 -6.77 38.31 -18.75
CA VAL K 49 -6.32 37.57 -19.96
C VAL K 49 -7.20 36.38 -20.33
N SER K 50 -7.53 36.29 -21.62
CA SER K 50 -8.47 35.28 -22.10
C SER K 50 -8.00 33.83 -22.07
N GLN K 51 -8.61 33.02 -21.20
CA GLN K 51 -8.20 31.63 -21.05
C GLN K 51 -9.29 30.64 -21.45
N MET K 52 -8.88 29.45 -21.87
CA MET K 52 -9.82 28.38 -22.21
C MET K 52 -9.86 27.36 -21.09
N VAL K 53 -11.03 27.20 -20.47
CA VAL K 53 -11.19 26.29 -19.35
C VAL K 53 -11.96 25.04 -19.74
N TYR K 54 -11.33 23.88 -19.62
CA TYR K 54 -12.01 22.62 -19.90
C TYR K 54 -13.07 22.31 -18.83
N LYS K 55 -14.27 21.94 -19.27
CA LYS K 55 -15.39 21.66 -18.37
C LYS K 55 -15.15 20.46 -17.45
N HIS K 56 -14.37 19.48 -17.90
CA HIS K 56 -14.15 18.27 -17.12
C HIS K 56 -13.33 18.54 -15.87
N ALA K 57 -12.71 19.72 -15.81
CA ALA K 57 -11.92 20.11 -14.66
C ALA K 57 -12.71 21.05 -13.76
N ILE K 58 -13.90 21.45 -14.22
CA ILE K 58 -14.74 22.38 -13.49
C ILE K 58 -15.66 21.67 -12.51
N SER K 59 -15.70 22.16 -11.27
CA SER K 59 -16.66 21.67 -10.29
C SER K 59 -17.93 22.51 -10.30
N THR K 60 -17.77 23.83 -10.19
CA THR K 60 -18.94 24.71 -10.18
C THR K 60 -18.83 25.99 -11.01
N VAL K 61 -19.98 26.53 -11.38
CA VAL K 61 -20.08 27.87 -11.99
C VAL K 61 -21.03 28.70 -11.10
N VAL K 62 -20.47 29.69 -10.40
CA VAL K 62 -21.24 30.49 -9.43
C VAL K 62 -21.38 31.97 -9.83
N PRO K 63 -22.57 32.37 -10.29
CA PRO K 63 -22.72 33.80 -10.61
C PRO K 63 -22.58 34.69 -9.38
N SER K 64 -22.34 35.98 -9.58
CA SER K 64 -22.30 36.96 -8.49
C SER K 64 -23.56 37.79 -8.50
N ARG K 65 -24.42 37.50 -9.49
CA ARG K 65 -25.73 38.12 -9.57
C ARG K 65 -26.76 37.08 -10.04
N PRO K 66 -28.00 37.23 -9.58
CA PRO K 66 -29.07 36.27 -9.92
C PRO K 66 -29.45 36.26 -11.42
N VAL K 67 -29.03 35.23 -12.14
CA VAL K 67 -29.48 34.98 -13.52
C VAL K 67 -29.69 33.49 -13.79
N SER K 68 -30.59 33.16 -14.71
CA SER K 68 -30.83 31.77 -15.06
C SER K 68 -31.08 31.61 -16.56
N ALA L 1 -31.19 -1.30 -11.71
CA ALA L 1 -32.05 -0.96 -12.83
C ALA L 1 -31.23 -0.62 -14.08
N LYS L 2 -31.88 0.03 -15.04
CA LYS L 2 -31.24 0.39 -16.30
C LYS L 2 -31.30 1.89 -16.55
N GLY L 3 -30.35 2.41 -17.32
CA GLY L 3 -30.37 3.79 -17.74
C GLY L 3 -30.37 4.83 -16.65
N GLN L 4 -31.43 5.64 -16.59
CA GLN L 4 -31.52 6.74 -15.64
C GLN L 4 -32.74 6.57 -14.75
N SER L 5 -33.23 5.34 -14.62
CA SER L 5 -34.46 5.08 -13.90
C SER L 5 -34.34 5.27 -12.39
N LEU L 6 -33.13 5.54 -11.92
CA LEU L 6 -32.93 5.84 -10.50
C LEU L 6 -32.41 7.25 -10.20
N GLN L 7 -31.74 7.85 -11.18
CA GLN L 7 -31.10 9.15 -11.00
C GLN L 7 -32.15 10.25 -11.13
N ASP L 8 -32.79 10.29 -12.30
CA ASP L 8 -33.78 11.33 -12.58
C ASP L 8 -34.99 11.35 -11.64
N PRO L 9 -35.59 10.18 -11.33
CA PRO L 9 -36.71 10.22 -10.38
C PRO L 9 -36.29 10.66 -8.98
N PHE L 10 -35.06 10.31 -8.60
CA PHE L 10 -34.48 10.70 -7.32
C PHE L 10 -34.38 12.22 -7.26
N LEU L 11 -33.67 12.78 -8.23
CA LEU L 11 -33.47 14.23 -8.27
C LEU L 11 -34.78 15.00 -8.39
N ASN L 12 -35.69 14.52 -9.22
CA ASN L 12 -37.00 15.12 -9.35
C ASN L 12 -37.77 15.09 -8.03
N ALA L 13 -37.62 14.00 -7.30
CA ALA L 13 -38.24 13.88 -5.99
C ALA L 13 -37.61 14.80 -4.97
N LEU L 14 -36.36 15.18 -5.20
CA LEU L 14 -35.69 16.15 -4.32
C LEU L 14 -36.02 17.59 -4.70
N ARG L 15 -36.38 17.79 -5.97
CA ARG L 15 -36.63 19.12 -6.51
C ARG L 15 -38.08 19.53 -6.27
N ARG L 16 -38.99 18.63 -6.59
CA ARG L 16 -40.42 18.83 -6.39
C ARG L 16 -40.75 19.14 -4.93
N GLU L 17 -40.12 18.42 -4.01
CA GLU L 17 -40.40 18.56 -2.60
C GLU L 17 -39.56 19.64 -1.92
N ARG L 18 -38.78 20.36 -2.73
CA ARG L 18 -37.90 21.44 -2.24
C ARG L 18 -37.13 21.07 -0.98
N VAL L 19 -36.68 19.82 -0.92
CA VAL L 19 -36.00 19.30 0.25
C VAL L 19 -34.50 19.62 0.19
N PRO L 20 -33.98 20.18 1.30
CA PRO L 20 -32.56 20.57 1.43
C PRO L 20 -31.64 19.38 1.20
N VAL L 21 -30.67 19.55 0.30
CA VAL L 21 -29.74 18.48 -0.01
C VAL L 21 -28.29 18.88 0.26
N SER L 22 -27.45 17.88 0.50
CA SER L 22 -26.03 18.07 0.68
C SER L 22 -25.29 17.33 -0.43
N ILE L 23 -24.57 18.10 -1.25
CA ILE L 23 -23.87 17.53 -2.40
C ILE L 23 -22.36 17.49 -2.16
N TYR L 24 -21.84 16.29 -2.00
CA TYR L 24 -20.41 16.08 -1.75
C TYR L 24 -19.65 15.87 -3.06
N LEU L 25 -18.64 16.71 -3.27
CA LEU L 25 -17.79 16.65 -4.45
C LEU L 25 -16.61 15.69 -4.25
N VAL L 26 -15.95 15.33 -5.35
CA VAL L 26 -14.88 14.35 -5.31
C VAL L 26 -13.66 14.82 -4.54
N ASN L 27 -13.54 16.14 -4.36
CA ASN L 27 -12.42 16.72 -3.62
C ASN L 27 -12.68 16.74 -2.12
N GLY L 28 -13.94 16.54 -1.74
CA GLY L 28 -14.32 16.52 -0.34
C GLY L 28 -15.02 17.80 0.09
N ILE L 29 -15.47 18.57 -0.88
CA ILE L 29 -16.16 19.83 -0.60
C ILE L 29 -17.67 19.65 -0.60
N LYS L 30 -18.30 20.03 0.51
CA LYS L 30 -19.74 19.88 0.67
C LYS L 30 -20.50 21.11 0.20
N LEU L 31 -21.66 20.89 -0.43
CA LEU L 31 -22.47 21.98 -0.96
C LEU L 31 -23.94 21.82 -0.59
N GLN L 32 -24.40 22.63 0.36
CA GLN L 32 -25.80 22.62 0.79
C GLN L 32 -26.66 23.43 -0.17
N GLY L 33 -27.96 23.15 -0.18
CA GLY L 33 -28.88 23.90 -1.01
C GLY L 33 -30.09 23.10 -1.46
N GLN L 34 -30.81 23.65 -2.44
CA GLN L 34 -31.98 22.98 -2.99
C GLN L 34 -31.86 22.84 -4.50
N ILE L 35 -32.19 21.65 -4.98
CA ILE L 35 -32.15 21.38 -6.43
C ILE L 35 -33.31 22.11 -7.10
N GLU L 36 -32.99 23.01 -8.01
CA GLU L 36 -34.00 23.85 -8.66
C GLU L 36 -34.26 23.33 -10.08
N SER L 37 -33.23 22.71 -10.65
CA SER L 37 -33.33 22.06 -11.96
C SER L 37 -32.08 21.23 -12.14
N PHE L 38 -32.11 20.31 -13.09
CA PHE L 38 -30.93 19.51 -13.40
C PHE L 38 -31.06 18.98 -14.82
N ASP L 39 -29.96 18.56 -15.41
CA ASP L 39 -30.04 17.91 -16.72
C ASP L 39 -28.93 16.87 -16.79
N GLN L 40 -28.73 16.26 -17.95
CA GLN L 40 -27.70 15.23 -18.10
C GLN L 40 -26.34 15.38 -17.40
N PHE L 41 -25.80 16.59 -17.38
CA PHE L 41 -24.47 16.80 -16.84
C PHE L 41 -24.40 17.77 -15.66
N VAL L 42 -25.43 18.59 -15.49
CA VAL L 42 -25.39 19.61 -14.44
C VAL L 42 -26.60 19.57 -13.50
N ILE L 43 -26.38 20.11 -12.30
CA ILE L 43 -27.43 20.31 -11.31
C ILE L 43 -27.37 21.76 -10.83
N LEU L 44 -28.46 22.48 -11.03
CA LEU L 44 -28.59 23.85 -10.55
C LEU L 44 -29.03 23.83 -9.08
N LEU L 45 -28.16 24.35 -8.22
CA LEU L 45 -28.34 24.31 -6.77
C LEU L 45 -28.51 25.70 -6.17
N LYS L 46 -29.49 25.86 -5.28
CA LYS L 46 -29.77 27.19 -4.72
C LYS L 46 -29.58 27.31 -3.21
N ASN L 47 -28.87 28.37 -2.81
CA ASN L 47 -28.90 28.86 -1.44
C ASN L 47 -28.91 30.34 -1.12
N THR L 48 -27.84 31.05 -1.45
CA THR L 48 -27.87 32.50 -1.41
C THR L 48 -27.50 32.67 -2.88
N VAL L 49 -26.76 31.70 -3.40
CA VAL L 49 -26.38 31.68 -4.80
C VAL L 49 -27.05 30.51 -5.56
N SER L 50 -27.36 30.75 -6.84
CA SER L 50 -27.96 29.73 -7.71
C SER L 50 -26.91 29.20 -8.69
N GLN L 51 -26.12 28.22 -8.23
CA GLN L 51 -24.91 27.78 -8.92
C GLN L 51 -25.10 26.51 -9.76
N MET L 52 -24.37 26.42 -10.86
CA MET L 52 -24.41 25.23 -11.70
C MET L 52 -23.29 24.27 -11.32
N VAL L 53 -23.65 23.15 -10.71
CA VAL L 53 -22.67 22.13 -10.31
C VAL L 53 -22.55 21.05 -11.37
N TYR L 54 -21.34 20.75 -11.79
CA TYR L 54 -21.11 19.65 -12.72
C TYR L 54 -21.15 18.31 -12.00
N LYS L 55 -21.90 17.36 -12.57
CA LYS L 55 -22.07 16.04 -11.99
C LYS L 55 -20.77 15.24 -11.90
N HIS L 56 -19.87 15.46 -12.86
CA HIS L 56 -18.62 14.70 -12.90
C HIS L 56 -17.73 15.03 -11.72
N ALA L 57 -18.01 16.17 -11.08
CA ALA L 57 -17.30 16.57 -9.89
C ALA L 57 -18.02 16.09 -8.63
N ILE L 58 -19.27 15.64 -8.81
CA ILE L 58 -20.07 15.18 -7.68
C ILE L 58 -19.77 13.73 -7.32
N SER L 59 -19.55 13.48 -6.04
CA SER L 59 -19.35 12.13 -5.54
C SER L 59 -20.66 11.55 -5.00
N THR L 60 -21.39 12.35 -4.24
CA THR L 60 -22.63 11.84 -3.66
C THR L 60 -23.67 12.91 -3.30
N VAL L 61 -24.95 12.56 -3.46
CA VAL L 61 -26.04 13.48 -3.14
C VAL L 61 -26.88 12.94 -1.99
N VAL L 62 -26.97 13.70 -0.90
CA VAL L 62 -27.65 13.22 0.29
C VAL L 62 -28.82 14.12 0.71
N PRO L 63 -30.00 13.52 0.93
CA PRO L 63 -31.11 14.28 1.50
C PRO L 63 -30.86 14.54 2.98
N SER L 64 -30.90 15.81 3.38
CA SER L 64 -30.64 16.18 4.78
C SER L 64 -31.71 15.65 5.72
N ARG L 65 -32.92 15.43 5.19
CA ARG L 65 -33.98 14.79 5.96
C ARG L 65 -34.49 13.80 4.90
N PRO L 66 -35.54 13.06 5.23
CA PRO L 66 -36.14 12.09 4.33
C PRO L 66 -35.34 11.70 3.09
ZN ZN Q . 21.28 -8.07 14.20
ZN ZN R . 21.11 -15.26 16.67
ZN ZN S . 15.26 -18.09 21.18
ZN ZN T . -21.68 10.44 -14.03
ZN ZN U . -17.37 4.07 -15.15
ZN ZN V . -11.00 3.95 -20.15
ZN ZN W . 10.10 -13.26 23.40
ZN ZN X . 9.48 -6.08 20.62
ZN ZN Y . 16.23 -2.92 16.97
ZN ZN Z . -8.20 10.27 -22.65
ZN ZN AA . -12.79 16.65 -22.59
ZN ZN BA . -19.16 17.03 -17.51
#